data_433D
# 
_entry.id   433D 
# 
_audit_conform.dict_name       mmcif_pdbx.dic 
_audit_conform.dict_version    5.383 
_audit_conform.dict_location   http://mmcif.pdb.org/dictionaries/ascii/mmcif_pdbx.dic 
# 
loop_
_database_2.database_id 
_database_2.database_code 
_database_2.pdbx_database_accession 
_database_2.pdbx_DOI 
PDB   433D         pdb_0000433d 10.2210/pdb433d/pdb 
NDB   AR0008       ?            ?                   
RCSB  RCSB000266   ?            ?                   
WWPDB D_1000000266 ?            ?                   
# 
loop_
_pdbx_audit_revision_history.ordinal 
_pdbx_audit_revision_history.data_content_type 
_pdbx_audit_revision_history.major_revision 
_pdbx_audit_revision_history.minor_revision 
_pdbx_audit_revision_history.revision_date 
1 'Structure model' 1 0 1998-12-04 
2 'Structure model' 1 1 2008-04-01 
3 'Structure model' 1 2 2011-07-13 
4 'Structure model' 1 3 2023-12-27 
# 
_pdbx_audit_revision_details.ordinal             1 
_pdbx_audit_revision_details.revision_ordinal    1 
_pdbx_audit_revision_details.data_content_type   'Structure model' 
_pdbx_audit_revision_details.provider            repository 
_pdbx_audit_revision_details.type                'Initial release' 
_pdbx_audit_revision_details.description         ? 
_pdbx_audit_revision_details.details             ? 
# 
loop_
_pdbx_audit_revision_group.ordinal 
_pdbx_audit_revision_group.revision_ordinal 
_pdbx_audit_revision_group.data_content_type 
_pdbx_audit_revision_group.group 
1 2 'Structure model' 'Version format compliance' 
2 3 'Structure model' 'Version format compliance' 
3 4 'Structure model' 'Data collection'           
4 4 'Structure model' 'Database references'       
# 
loop_
_pdbx_audit_revision_category.ordinal 
_pdbx_audit_revision_category.revision_ordinal 
_pdbx_audit_revision_category.data_content_type 
_pdbx_audit_revision_category.category 
1 4 'Structure model' chem_comp_atom 
2 4 'Structure model' chem_comp_bond 
3 4 'Structure model' database_2     
# 
loop_
_pdbx_audit_revision_item.ordinal 
_pdbx_audit_revision_item.revision_ordinal 
_pdbx_audit_revision_item.data_content_type 
_pdbx_audit_revision_item.item 
1 4 'Structure model' '_database_2.pdbx_DOI'                
2 4 'Structure model' '_database_2.pdbx_database_accession' 
# 
_pdbx_database_status.status_code                     REL 
_pdbx_database_status.entry_id                        433D 
_pdbx_database_status.recvd_initial_deposition_date   1998-10-22 
_pdbx_database_status.deposit_site                    NDB 
_pdbx_database_status.process_site                    NDB 
_pdbx_database_status.status_code_sf                  REL 
_pdbx_database_status.SG_entry                        . 
_pdbx_database_status.pdb_format_compatible           Y 
_pdbx_database_status.status_code_mr                  ? 
_pdbx_database_status.status_code_cs                  ? 
_pdbx_database_status.status_code_nmr_data            ? 
_pdbx_database_status.methods_development_category    ? 
# 
loop_
_audit_author.name 
_audit_author.pdbx_ordinal 
'Trikha, J.'   1 
'Filman, D.J.' 2 
'Hogle, J.M.'  3 
# 
_citation.id                        primary 
_citation.title                     'Crystal structure of a 14 bp RNA duplex with non-symmetrical tandem GxU wobble base pairs.' 
_citation.journal_abbrev            'Nucleic Acids Res.' 
_citation.journal_volume            27 
_citation.page_first                1728 
_citation.page_last                 1739 
_citation.year                      1999 
_citation.journal_id_ASTM           NARHAD 
_citation.country                   UK 
_citation.journal_id_ISSN           0305-1048 
_citation.journal_id_CSD            0389 
_citation.book_publisher            ? 
_citation.pdbx_database_id_PubMed   10076005 
_citation.pdbx_database_id_DOI      10.1093/nar/27.7.1728 
# 
loop_
_citation_author.citation_id 
_citation_author.name 
_citation_author.ordinal 
_citation_author.identifier_ORCID 
primary 'Trikha, J.'   1 ? 
primary 'Filman, D.J.' 2 ? 
primary 'Hogle, J.M.'  3 ? 
# 
loop_
_entity.id 
_entity.type 
_entity.src_method 
_entity.pdbx_description 
_entity.formula_weight 
_entity.pdbx_number_of_molecules 
_entity.pdbx_ec 
_entity.pdbx_mutation 
_entity.pdbx_fragment 
_entity.details 
1 polymer syn "5'-R(*GP*GP*UP*AP*UP*UP*GP*CP*GP*GP*UP*AP*CP*C)-3'" 4479.691 2  ? ? ? ? 
2 water   nat water                                                18.015   72 ? ? ? ? 
# 
_entity_poly.entity_id                      1 
_entity_poly.type                           polyribonucleotide 
_entity_poly.nstd_linkage                   no 
_entity_poly.nstd_monomer                   no 
_entity_poly.pdbx_seq_one_letter_code       GGUAUUGCGGUACC 
_entity_poly.pdbx_seq_one_letter_code_can   GGUAUUGCGGUACC 
_entity_poly.pdbx_strand_id                 A,B 
_entity_poly.pdbx_target_identifier         ? 
# 
_pdbx_entity_nonpoly.entity_id   2 
_pdbx_entity_nonpoly.name        water 
_pdbx_entity_nonpoly.comp_id     HOH 
# 
loop_
_entity_poly_seq.entity_id 
_entity_poly_seq.num 
_entity_poly_seq.mon_id 
_entity_poly_seq.hetero 
1 1  G n 
1 2  G n 
1 3  U n 
1 4  A n 
1 5  U n 
1 6  U n 
1 7  G n 
1 8  C n 
1 9  G n 
1 10 G n 
1 11 U n 
1 12 A n 
1 13 C n 
1 14 C n 
# 
loop_
_chem_comp.id 
_chem_comp.type 
_chem_comp.mon_nstd_flag 
_chem_comp.name 
_chem_comp.pdbx_synonyms 
_chem_comp.formula 
_chem_comp.formula_weight 
A   'RNA linking' y "ADENOSINE-5'-MONOPHOSPHATE" ? 'C10 H14 N5 O7 P' 347.221 
C   'RNA linking' y "CYTIDINE-5'-MONOPHOSPHATE"  ? 'C9 H14 N3 O8 P'  323.197 
G   'RNA linking' y "GUANOSINE-5'-MONOPHOSPHATE" ? 'C10 H14 N5 O8 P' 363.221 
HOH non-polymer   . WATER                        ? 'H2 O'            18.015  
U   'RNA linking' y "URIDINE-5'-MONOPHOSPHATE"   ? 'C9 H13 N2 O9 P'  324.181 
# 
loop_
_pdbx_poly_seq_scheme.asym_id 
_pdbx_poly_seq_scheme.entity_id 
_pdbx_poly_seq_scheme.seq_id 
_pdbx_poly_seq_scheme.mon_id 
_pdbx_poly_seq_scheme.ndb_seq_num 
_pdbx_poly_seq_scheme.pdb_seq_num 
_pdbx_poly_seq_scheme.auth_seq_num 
_pdbx_poly_seq_scheme.pdb_mon_id 
_pdbx_poly_seq_scheme.auth_mon_id 
_pdbx_poly_seq_scheme.pdb_strand_id 
_pdbx_poly_seq_scheme.pdb_ins_code 
_pdbx_poly_seq_scheme.hetero 
A 1 1  G 1  1  1  G G A . n 
A 1 2  G 2  2  2  G G A . n 
A 1 3  U 3  3  3  U U A . n 
A 1 4  A 4  4  4  A A A . n 
A 1 5  U 5  5  5  U U A . n 
A 1 6  U 6  6  6  U U A . n 
A 1 7  G 7  7  7  G G A . n 
A 1 8  C 8  8  8  C C A . n 
A 1 9  G 9  9  9  G G A . n 
A 1 10 G 10 10 10 G G A . n 
A 1 11 U 11 11 11 U U A . n 
A 1 12 A 12 12 12 A A A . n 
A 1 13 C 13 13 13 C C A . n 
A 1 14 C 14 14 14 C C A . n 
B 1 1  G 1  15 15 G G B . n 
B 1 2  G 2  16 16 G G B . n 
B 1 3  U 3  17 17 U U B . n 
B 1 4  A 4  18 18 A A B . n 
B 1 5  U 5  19 19 U U B . n 
B 1 6  U 6  20 20 U U B . n 
B 1 7  G 7  21 21 G G B . n 
B 1 8  C 8  22 22 C C B . n 
B 1 9  G 9  23 23 G G B . n 
B 1 10 G 10 24 24 G G B . n 
B 1 11 U 11 25 25 U U B . n 
B 1 12 A 12 26 26 A A B . n 
B 1 13 C 13 27 27 C C B . n 
B 1 14 C 14 28 28 C C B . n 
# 
loop_
_pdbx_nonpoly_scheme.asym_id 
_pdbx_nonpoly_scheme.entity_id 
_pdbx_nonpoly_scheme.mon_id 
_pdbx_nonpoly_scheme.ndb_seq_num 
_pdbx_nonpoly_scheme.pdb_seq_num 
_pdbx_nonpoly_scheme.auth_seq_num 
_pdbx_nonpoly_scheme.pdb_mon_id 
_pdbx_nonpoly_scheme.auth_mon_id 
_pdbx_nonpoly_scheme.pdb_strand_id 
_pdbx_nonpoly_scheme.pdb_ins_code 
C 2 HOH 1  15 1  HOH HOH A . 
C 2 HOH 2  16 2  HOH HOH A . 
C 2 HOH 3  17 3  HOH HOH A . 
C 2 HOH 4  18 4  HOH HOH A . 
C 2 HOH 5  19 5  HOH HOH A . 
C 2 HOH 6  20 12 HOH HOH A . 
C 2 HOH 7  21 13 HOH HOH A . 
C 2 HOH 8  22 17 HOH HOH A . 
C 2 HOH 9  23 18 HOH HOH A . 
C 2 HOH 10 24 20 HOH HOH A . 
C 2 HOH 11 25 23 HOH HOH A . 
C 2 HOH 12 26 24 HOH HOH A . 
C 2 HOH 13 27 26 HOH HOH A . 
C 2 HOH 14 28 30 HOH HOH A . 
C 2 HOH 15 29 31 HOH HOH A . 
C 2 HOH 16 30 33 HOH HOH A . 
C 2 HOH 17 31 37 HOH HOH A . 
C 2 HOH 18 32 38 HOH HOH A . 
C 2 HOH 19 33 39 HOH HOH A . 
C 2 HOH 20 34 40 HOH HOH A . 
C 2 HOH 21 35 44 HOH HOH A . 
C 2 HOH 22 36 46 HOH HOH A . 
C 2 HOH 23 37 48 HOH HOH A . 
C 2 HOH 24 38 49 HOH HOH A . 
C 2 HOH 25 39 51 HOH HOH A . 
C 2 HOH 26 40 52 HOH HOH A . 
C 2 HOH 27 41 55 HOH HOH A . 
C 2 HOH 28 42 56 HOH HOH A . 
C 2 HOH 29 43 57 HOH HOH A . 
C 2 HOH 30 44 58 HOH HOH A . 
C 2 HOH 31 45 59 HOH HOH A . 
C 2 HOH 32 46 60 HOH HOH A . 
C 2 HOH 33 47 61 HOH HOH A . 
C 2 HOH 34 48 63 HOH HOH A . 
C 2 HOH 35 49 64 HOH HOH A . 
C 2 HOH 36 50 67 HOH HOH A . 
C 2 HOH 37 51 70 HOH HOH A . 
C 2 HOH 38 52 71 HOH HOH A . 
C 2 HOH 39 53 72 HOH HOH A . 
D 2 HOH 1  29 6  HOH HOH B . 
D 2 HOH 2  30 7  HOH HOH B . 
D 2 HOH 3  31 8  HOH HOH B . 
D 2 HOH 4  32 9  HOH HOH B . 
D 2 HOH 5  33 10 HOH HOH B . 
D 2 HOH 6  34 11 HOH HOH B . 
D 2 HOH 7  35 14 HOH HOH B . 
D 2 HOH 8  36 15 HOH HOH B . 
D 2 HOH 9  37 16 HOH HOH B . 
D 2 HOH 10 38 19 HOH HOH B . 
D 2 HOH 11 39 21 HOH HOH B . 
D 2 HOH 12 40 22 HOH HOH B . 
D 2 HOH 13 41 25 HOH HOH B . 
D 2 HOH 14 42 27 HOH HOH B . 
D 2 HOH 15 43 28 HOH HOH B . 
D 2 HOH 16 44 29 HOH HOH B . 
D 2 HOH 17 45 32 HOH HOH B . 
D 2 HOH 18 46 34 HOH HOH B . 
D 2 HOH 19 47 35 HOH HOH B . 
D 2 HOH 20 48 36 HOH HOH B . 
D 2 HOH 21 49 41 HOH HOH B . 
D 2 HOH 22 50 42 HOH HOH B . 
D 2 HOH 23 51 43 HOH HOH B . 
D 2 HOH 24 52 45 HOH HOH B . 
D 2 HOH 25 53 47 HOH HOH B . 
D 2 HOH 26 54 50 HOH HOH B . 
D 2 HOH 27 55 53 HOH HOH B . 
D 2 HOH 28 56 54 HOH HOH B . 
D 2 HOH 29 57 62 HOH HOH B . 
D 2 HOH 30 58 65 HOH HOH B . 
D 2 HOH 31 59 66 HOH HOH B . 
D 2 HOH 32 60 68 HOH HOH B . 
D 2 HOH 33 61 69 HOH HOH B . 
# 
loop_
_software.name 
_software.classification 
_software.version 
_software.citation_id 
_software.pdbx_ordinal 
X-PLOR    'model building' .     ? 1 
X-PLOR    refinement       3.851 ? 2 
DENZO     'data reduction' .     ? 3 
SCALEPACK 'data scaling'   .     ? 4 
X-PLOR    phasing          .     ? 5 
# 
_cell.entry_id           433D 
_cell.length_a           45.4 
_cell.length_b           45.4 
_cell.length_c           147.9 
_cell.angle_alpha        90.0 
_cell.angle_beta         90.0 
_cell.angle_gamma        120.0 
_cell.Z_PDB              24 
_cell.pdbx_unique_axis   ? 
# 
_symmetry.entry_id                         433D 
_symmetry.space_group_name_H-M             'P 63 2 2' 
_symmetry.pdbx_full_space_group_name_H-M   ? 
_symmetry.cell_setting                     hexagonal 
_symmetry.Int_Tables_number                182 
# 
_exptl.entry_id          433D 
_exptl.method            'X-RAY DIFFRACTION' 
_exptl.crystals_number   1 
# 
_exptl_crystal.id                    1 
_exptl_crystal.density_meas          ? 
_exptl_crystal.density_Matthews      2.46 
_exptl_crystal.density_percent_sol   49.91 
_exptl_crystal.description           ? 
# 
_exptl_crystal_grow.crystal_id      1 
_exptl_crystal_grow.method          'VAPOR DIFFUSION, HANGING DROP' 
_exptl_crystal_grow.temp            293.0 
_exptl_crystal_grow.temp_details    ? 
_exptl_crystal_grow.pH              6.5 
_exptl_crystal_grow.pdbx_details    'pH 6.5, VAPOR DIFFUSION, HANGING DROP, temperature 293.0K' 
_exptl_crystal_grow.pdbx_pH_range   ? 
# 
loop_
_exptl_crystal_grow_comp.crystal_id 
_exptl_crystal_grow_comp.id 
_exptl_crystal_grow_comp.sol_id 
_exptl_crystal_grow_comp.name 
_exptl_crystal_grow_comp.volume 
_exptl_crystal_grow_comp.conc 
_exptl_crystal_grow_comp.details 
1 1 1 'SODIUM CACODYLATE' ? ? ? 
1 2 1 MPD                 ? ? ? 
1 3 2 MPD                 ? ? ? 
# 
_diffrn.id                     1 
_diffrn.ambient_temp           100.0 
_diffrn.ambient_temp_details   ? 
_diffrn.crystal_id             1 
# 
_diffrn_detector.diffrn_id              1 
_diffrn_detector.detector               CCD 
_diffrn_detector.type                   'PRINCETON 2K' 
_diffrn_detector.pdbx_collection_date   1996-09-15 
_diffrn_detector.details                ? 
# 
_diffrn_radiation.diffrn_id                        1 
_diffrn_radiation.wavelength_id                    1 
_diffrn_radiation.pdbx_monochromatic_or_laue_m_l   M 
_diffrn_radiation.monochromator                    ? 
_diffrn_radiation.pdbx_diffrn_protocol             'SINGLE WAVELENGTH' 
_diffrn_radiation.pdbx_scattering_type             x-ray 
# 
_diffrn_radiation_wavelength.id           1 
_diffrn_radiation_wavelength.wavelength   0.918 
_diffrn_radiation_wavelength.wt           1.0 
# 
_diffrn_source.diffrn_id                   1 
_diffrn_source.source                      SYNCHROTRON 
_diffrn_source.type                        'CHESS BEAMLINE F2' 
_diffrn_source.pdbx_synchrotron_site       CHESS 
_diffrn_source.pdbx_synchrotron_beamline   F2 
_diffrn_source.pdbx_wavelength             0.918 
_diffrn_source.pdbx_wavelength_list        ? 
# 
_reflns.entry_id                     433D 
_reflns.observed_criterion_sigma_I   0.0 
_reflns.observed_criterion_sigma_F   0.0 
_reflns.d_resolution_low             20.0 
_reflns.d_resolution_high            2.1 
_reflns.number_obs                   4969 
_reflns.number_all                   4969 
_reflns.percent_possible_obs         84.3 
_reflns.pdbx_Rmerge_I_obs            0.0280000 
_reflns.pdbx_Rsym_value              ? 
_reflns.pdbx_netI_over_sigmaI        ? 
_reflns.B_iso_Wilson_estimate        ? 
_reflns.pdbx_redundancy              3.6 
_reflns.pdbx_diffrn_id               1 
_reflns.pdbx_ordinal                 1 
# 
_reflns_shell.d_res_high             2.10 
_reflns_shell.d_res_low              2.17 
_reflns_shell.percent_possible_all   44.0 
_reflns_shell.Rmerge_I_obs           0.0510000 
_reflns_shell.pdbx_Rsym_value        ? 
_reflns_shell.meanI_over_sigI_obs    ? 
_reflns_shell.pdbx_redundancy        ? 
_reflns_shell.pdbx_diffrn_id         ? 
_reflns_shell.pdbx_ordinal           1 
# 
_refine.entry_id                                 433D 
_refine.ls_number_reflns_obs                     4859 
_refine.ls_number_reflns_all                     4859 
_refine.pdbx_ls_sigma_I                          ? 
_refine.pdbx_ls_sigma_F                          0.0 
_refine.pdbx_data_cutoff_high_absF               ? 
_refine.pdbx_data_cutoff_low_absF                ? 
_refine.pdbx_data_cutoff_high_rms_absF           ? 
_refine.ls_d_res_low                             20.0 
_refine.ls_d_res_high                            2.1 
_refine.ls_percent_reflns_obs                    84.3 
_refine.ls_R_factor_obs                          0.2250000 
_refine.ls_R_factor_all                          ? 
_refine.ls_R_factor_R_work                       0.2250000 
_refine.ls_R_factor_R_free                       0.2770000 
_refine.ls_R_factor_R_free_error                 ? 
_refine.ls_R_factor_R_free_error_details         ? 
_refine.ls_percent_reflns_R_free                 10 
_refine.ls_number_reflns_R_free                  498 
_refine.ls_number_parameters                     ? 
_refine.ls_number_restraints                     ? 
_refine.occupancy_min                            ? 
_refine.occupancy_max                            ? 
_refine.B_iso_mean                               ? 
_refine.aniso_B[1][1]                            ? 
_refine.aniso_B[2][2]                            ? 
_refine.aniso_B[3][3]                            ? 
_refine.aniso_B[1][2]                            ? 
_refine.aniso_B[1][3]                            ? 
_refine.aniso_B[2][3]                            ? 
_refine.solvent_model_details                    ? 
_refine.solvent_model_param_ksol                 ? 
_refine.solvent_model_param_bsol                 ? 
_refine.pdbx_ls_cross_valid_method               ? 
_refine.details                                  ? 
_refine.pdbx_starting_model                      ? 
_refine.pdbx_method_to_determine_struct          'MOLECULAR REPLACEMENT' 
_refine.pdbx_isotropic_thermal_model             ? 
_refine.pdbx_stereochemistry_target_values       ? 
_refine.pdbx_stereochem_target_val_spec_case     ? 
_refine.pdbx_R_Free_selection_details            ? 
_refine.pdbx_overall_ESU_R                       ? 
_refine.pdbx_overall_ESU_R_Free                  ? 
_refine.overall_SU_ML                            ? 
_refine.overall_SU_B                             ? 
_refine.pdbx_refine_id                           'X-RAY DIFFRACTION' 
_refine.pdbx_diffrn_id                           1 
_refine.pdbx_TLS_residual_ADP_flag               ? 
_refine.correlation_coeff_Fo_to_Fc               ? 
_refine.correlation_coeff_Fo_to_Fc_free          ? 
_refine.pdbx_solvent_vdw_probe_radii             ? 
_refine.pdbx_solvent_ion_probe_radii             ? 
_refine.pdbx_solvent_shrinkage_radii             ? 
_refine.pdbx_overall_phase_error                 ? 
_refine.overall_SU_R_Cruickshank_DPI             ? 
_refine.pdbx_overall_SU_R_free_Cruickshank_DPI   ? 
_refine.pdbx_overall_SU_R_Blow_DPI               ? 
_refine.pdbx_overall_SU_R_free_Blow_DPI          ? 
# 
_refine_hist.pdbx_refine_id                   'X-RAY DIFFRACTION' 
_refine_hist.cycle_id                         LAST 
_refine_hist.pdbx_number_atoms_protein        0 
_refine_hist.pdbx_number_atoms_nucleic_acid   592 
_refine_hist.pdbx_number_atoms_ligand         0 
_refine_hist.number_atoms_solvent             72 
_refine_hist.number_atoms_total               664 
_refine_hist.d_res_high                       2.1 
_refine_hist.d_res_low                        20.0 
# 
loop_
_refine_ls_restr.type 
_refine_ls_restr.dev_ideal 
_refine_ls_restr.dev_ideal_target 
_refine_ls_restr.weight 
_refine_ls_restr.number 
_refine_ls_restr.pdbx_refine_id 
_refine_ls_restr.pdbx_restraint_function 
x_bond_d                0.010 ? ? ? 'X-RAY DIFFRACTION' ? 
x_bond_d_na             ?     ? ? ? 'X-RAY DIFFRACTION' ? 
x_bond_d_prot           ?     ? ? ? 'X-RAY DIFFRACTION' ? 
x_angle_d               ?     ? ? ? 'X-RAY DIFFRACTION' ? 
x_angle_d_na            ?     ? ? ? 'X-RAY DIFFRACTION' ? 
x_angle_d_prot          ?     ? ? ? 'X-RAY DIFFRACTION' ? 
x_angle_deg             1.22  ? ? ? 'X-RAY DIFFRACTION' ? 
x_angle_deg_na          ?     ? ? ? 'X-RAY DIFFRACTION' ? 
x_angle_deg_prot        ?     ? ? ? 'X-RAY DIFFRACTION' ? 
x_dihedral_angle_d      ?     ? ? ? 'X-RAY DIFFRACTION' ? 
x_dihedral_angle_d_na   ?     ? ? ? 'X-RAY DIFFRACTION' ? 
x_dihedral_angle_d_prot ?     ? ? ? 'X-RAY DIFFRACTION' ? 
x_improper_angle_d      ?     ? ? ? 'X-RAY DIFFRACTION' ? 
x_improper_angle_d_na   ?     ? ? ? 'X-RAY DIFFRACTION' ? 
x_improper_angle_d_prot ?     ? ? ? 'X-RAY DIFFRACTION' ? 
x_mcbond_it             ?     ? ? ? 'X-RAY DIFFRACTION' ? 
x_mcangle_it            ?     ? ? ? 'X-RAY DIFFRACTION' ? 
x_scbond_it             ?     ? ? ? 'X-RAY DIFFRACTION' ? 
x_scangle_it            ?     ? ? ? 'X-RAY DIFFRACTION' ? 
# 
_struct.entry_id                  433D 
_struct.title                     'CRYSTAL STRUCTURE OF A 14 BASE PAIR RNA DUPLEX WITH NONSYMMETRICAL TANDEM G.U WOBBLE BASE PAIRS' 
_struct.pdbx_model_details        ? 
_struct.pdbx_CASP_flag            ? 
_struct.pdbx_model_type_details   ? 
# 
_struct_keywords.entry_id        433D 
_struct_keywords.pdbx_keywords   RNA 
_struct_keywords.text            'TANDEM NONSYMMETRICAL G.U WOBBLE BASE PAIR, RNA' 
# 
loop_
_struct_asym.id 
_struct_asym.pdbx_blank_PDB_chainid_flag 
_struct_asym.pdbx_modified 
_struct_asym.entity_id 
_struct_asym.details 
A N N 1 ? 
B N N 1 ? 
C N N 2 ? 
D N N 2 ? 
# 
_struct_ref.id                         1 
_struct_ref.entity_id                  1 
_struct_ref.db_name                    PDB 
_struct_ref.db_code                    433D 
_struct_ref.pdbx_db_accession          433D 
_struct_ref.pdbx_db_isoform            ? 
_struct_ref.pdbx_seq_one_letter_code   ? 
_struct_ref.pdbx_align_begin           ? 
# 
loop_
_struct_ref_seq.align_id 
_struct_ref_seq.ref_id 
_struct_ref_seq.pdbx_PDB_id_code 
_struct_ref_seq.pdbx_strand_id 
_struct_ref_seq.seq_align_beg 
_struct_ref_seq.pdbx_seq_align_beg_ins_code 
_struct_ref_seq.seq_align_end 
_struct_ref_seq.pdbx_seq_align_end_ins_code 
_struct_ref_seq.pdbx_db_accession 
_struct_ref_seq.db_align_beg 
_struct_ref_seq.pdbx_db_align_beg_ins_code 
_struct_ref_seq.db_align_end 
_struct_ref_seq.pdbx_db_align_end_ins_code 
_struct_ref_seq.pdbx_auth_seq_align_beg 
_struct_ref_seq.pdbx_auth_seq_align_end 
1 1 433D A 1 ? 14 ? 433D 1  ? 14 ? 1  14 
2 1 433D B 1 ? 14 ? 433D 15 ? 28 ? 15 28 
# 
_pdbx_struct_assembly.id                   1 
_pdbx_struct_assembly.details              author_defined_assembly 
_pdbx_struct_assembly.method_details       ? 
_pdbx_struct_assembly.oligomeric_details   dimeric 
_pdbx_struct_assembly.oligomeric_count     2 
# 
_pdbx_struct_assembly_gen.assembly_id       1 
_pdbx_struct_assembly_gen.oper_expression   1 
_pdbx_struct_assembly_gen.asym_id_list      A,B,C,D 
# 
_pdbx_struct_oper_list.id                   1 
_pdbx_struct_oper_list.type                 'identity operation' 
_pdbx_struct_oper_list.name                 1_555 
_pdbx_struct_oper_list.symmetry_operation   x,y,z 
_pdbx_struct_oper_list.matrix[1][1]         1.0000000000 
_pdbx_struct_oper_list.matrix[1][2]         0.0000000000 
_pdbx_struct_oper_list.matrix[1][3]         0.0000000000 
_pdbx_struct_oper_list.vector[1]            0.0000000000 
_pdbx_struct_oper_list.matrix[2][1]         0.0000000000 
_pdbx_struct_oper_list.matrix[2][2]         1.0000000000 
_pdbx_struct_oper_list.matrix[2][3]         0.0000000000 
_pdbx_struct_oper_list.vector[2]            0.0000000000 
_pdbx_struct_oper_list.matrix[3][1]         0.0000000000 
_pdbx_struct_oper_list.matrix[3][2]         0.0000000000 
_pdbx_struct_oper_list.matrix[3][3]         1.0000000000 
_pdbx_struct_oper_list.vector[3]            0.0000000000 
# 
_struct_biol.id   1 
# 
loop_
_struct_conn.id 
_struct_conn.conn_type_id 
_struct_conn.pdbx_leaving_atom_flag 
_struct_conn.pdbx_PDB_id 
_struct_conn.ptnr1_label_asym_id 
_struct_conn.ptnr1_label_comp_id 
_struct_conn.ptnr1_label_seq_id 
_struct_conn.ptnr1_label_atom_id 
_struct_conn.pdbx_ptnr1_label_alt_id 
_struct_conn.pdbx_ptnr1_PDB_ins_code 
_struct_conn.pdbx_ptnr1_standard_comp_id 
_struct_conn.ptnr1_symmetry 
_struct_conn.ptnr2_label_asym_id 
_struct_conn.ptnr2_label_comp_id 
_struct_conn.ptnr2_label_seq_id 
_struct_conn.ptnr2_label_atom_id 
_struct_conn.pdbx_ptnr2_label_alt_id 
_struct_conn.pdbx_ptnr2_PDB_ins_code 
_struct_conn.ptnr1_auth_asym_id 
_struct_conn.ptnr1_auth_comp_id 
_struct_conn.ptnr1_auth_seq_id 
_struct_conn.ptnr2_auth_asym_id 
_struct_conn.ptnr2_auth_comp_id 
_struct_conn.ptnr2_auth_seq_id 
_struct_conn.ptnr2_symmetry 
_struct_conn.pdbx_ptnr3_label_atom_id 
_struct_conn.pdbx_ptnr3_label_seq_id 
_struct_conn.pdbx_ptnr3_label_comp_id 
_struct_conn.pdbx_ptnr3_label_asym_id 
_struct_conn.pdbx_ptnr3_label_alt_id 
_struct_conn.pdbx_ptnr3_PDB_ins_code 
_struct_conn.details 
_struct_conn.pdbx_dist_value 
_struct_conn.pdbx_value_order 
_struct_conn.pdbx_role 
hydrog1  hydrog ? ? A G 1  N1 ? ? ? 1_555 B C 14 N3 ? ? A G 1  B C 28 1_555 ? ? ? ? ? ? WATSON-CRICK ? ? ? 
hydrog2  hydrog ? ? A G 1  N2 ? ? ? 1_555 B C 14 O2 ? ? A G 1  B C 28 1_555 ? ? ? ? ? ? WATSON-CRICK ? ? ? 
hydrog3  hydrog ? ? A G 1  O6 ? ? ? 1_555 B C 14 N4 ? ? A G 1  B C 28 1_555 ? ? ? ? ? ? WATSON-CRICK ? ? ? 
hydrog4  hydrog ? ? A G 2  N1 ? ? ? 1_555 B C 13 N3 ? ? A G 2  B C 27 1_555 ? ? ? ? ? ? WATSON-CRICK ? ? ? 
hydrog5  hydrog ? ? A G 2  N2 ? ? ? 1_555 B C 13 O2 ? ? A G 2  B C 27 1_555 ? ? ? ? ? ? WATSON-CRICK ? ? ? 
hydrog6  hydrog ? ? A G 2  O6 ? ? ? 1_555 B C 13 N4 ? ? A G 2  B C 27 1_555 ? ? ? ? ? ? WATSON-CRICK ? ? ? 
hydrog7  hydrog ? ? A U 3  N3 ? ? ? 1_555 B A 12 N1 ? ? A U 3  B A 26 1_555 ? ? ? ? ? ? WATSON-CRICK ? ? ? 
hydrog8  hydrog ? ? A U 3  O4 ? ? ? 1_555 B A 12 N6 ? ? A U 3  B A 26 1_555 ? ? ? ? ? ? WATSON-CRICK ? ? ? 
hydrog9  hydrog ? ? A A 4  N1 ? ? ? 1_555 B U 11 N3 ? ? A A 4  B U 25 1_555 ? ? ? ? ? ? WATSON-CRICK ? ? ? 
hydrog10 hydrog ? ? A A 4  N6 ? ? ? 1_555 B U 11 O4 ? ? A A 4  B U 25 1_555 ? ? ? ? ? ? WATSON-CRICK ? ? ? 
hydrog11 hydrog ? ? A U 5  N3 ? ? ? 1_555 B G 10 O6 ? ? A U 5  B G 24 1_555 ? ? ? ? ? ? TYPE_28_PAIR ? ? ? 
hydrog12 hydrog ? ? A U 5  O2 ? ? ? 1_555 B G 10 N1 ? ? A U 5  B G 24 1_555 ? ? ? ? ? ? TYPE_28_PAIR ? ? ? 
hydrog13 hydrog ? ? A U 6  N3 ? ? ? 1_555 B G 9  O6 ? ? A U 6  B G 23 1_555 ? ? ? ? ? ? TYPE_28_PAIR ? ? ? 
hydrog14 hydrog ? ? A U 6  O2 ? ? ? 1_555 B G 9  N1 ? ? A U 6  B G 23 1_555 ? ? ? ? ? ? TYPE_28_PAIR ? ? ? 
hydrog15 hydrog ? ? A G 7  N1 ? ? ? 1_555 B C 8  N3 ? ? A G 7  B C 22 1_555 ? ? ? ? ? ? WATSON-CRICK ? ? ? 
hydrog16 hydrog ? ? A G 7  N2 ? ? ? 1_555 B C 8  O2 ? ? A G 7  B C 22 1_555 ? ? ? ? ? ? WATSON-CRICK ? ? ? 
hydrog17 hydrog ? ? A G 7  O6 ? ? ? 1_555 B C 8  N4 ? ? A G 7  B C 22 1_555 ? ? ? ? ? ? WATSON-CRICK ? ? ? 
hydrog18 hydrog ? ? A C 8  N3 ? ? ? 1_555 B G 7  N1 ? ? A C 8  B G 21 1_555 ? ? ? ? ? ? WATSON-CRICK ? ? ? 
hydrog19 hydrog ? ? A C 8  N4 ? ? ? 1_555 B G 7  O6 ? ? A C 8  B G 21 1_555 ? ? ? ? ? ? WATSON-CRICK ? ? ? 
hydrog20 hydrog ? ? A C 8  O2 ? ? ? 1_555 B G 7  N2 ? ? A C 8  B G 21 1_555 ? ? ? ? ? ? WATSON-CRICK ? ? ? 
hydrog21 hydrog ? ? A G 9  N1 ? ? ? 1_555 B U 6  O2 ? ? A G 9  B U 20 1_555 ? ? ? ? ? ? TYPE_28_PAIR ? ? ? 
hydrog22 hydrog ? ? A G 9  O6 ? ? ? 1_555 B U 6  N3 ? ? A G 9  B U 20 1_555 ? ? ? ? ? ? TYPE_28_PAIR ? ? ? 
hydrog23 hydrog ? ? A G 10 N1 ? ? ? 1_555 B U 5  O2 ? ? A G 10 B U 19 1_555 ? ? ? ? ? ? TYPE_28_PAIR ? ? ? 
hydrog24 hydrog ? ? A G 10 O6 ? ? ? 1_555 B U 5  N3 ? ? A G 10 B U 19 1_555 ? ? ? ? ? ? TYPE_28_PAIR ? ? ? 
hydrog25 hydrog ? ? A U 11 N3 ? ? ? 1_555 B A 4  N1 ? ? A U 11 B A 18 1_555 ? ? ? ? ? ? WATSON-CRICK ? ? ? 
hydrog26 hydrog ? ? A U 11 O4 ? ? ? 1_555 B A 4  N6 ? ? A U 11 B A 18 1_555 ? ? ? ? ? ? WATSON-CRICK ? ? ? 
hydrog27 hydrog ? ? A A 12 N1 ? ? ? 1_555 B U 3  N3 ? ? A A 12 B U 17 1_555 ? ? ? ? ? ? WATSON-CRICK ? ? ? 
hydrog28 hydrog ? ? A A 12 N6 ? ? ? 1_555 B U 3  O4 ? ? A A 12 B U 17 1_555 ? ? ? ? ? ? WATSON-CRICK ? ? ? 
hydrog29 hydrog ? ? A C 13 N3 ? ? ? 1_555 B G 2  N1 ? ? A C 13 B G 16 1_555 ? ? ? ? ? ? WATSON-CRICK ? ? ? 
hydrog30 hydrog ? ? A C 13 N4 ? ? ? 1_555 B G 2  O6 ? ? A C 13 B G 16 1_555 ? ? ? ? ? ? WATSON-CRICK ? ? ? 
hydrog31 hydrog ? ? A C 13 O2 ? ? ? 1_555 B G 2  N2 ? ? A C 13 B G 16 1_555 ? ? ? ? ? ? WATSON-CRICK ? ? ? 
hydrog32 hydrog ? ? A C 14 N3 ? ? ? 1_555 B G 1  N1 ? ? A C 14 B G 15 1_555 ? ? ? ? ? ? WATSON-CRICK ? ? ? 
hydrog33 hydrog ? ? A C 14 N4 ? ? ? 1_555 B G 1  O6 ? ? A C 14 B G 15 1_555 ? ? ? ? ? ? WATSON-CRICK ? ? ? 
hydrog34 hydrog ? ? A C 14 O2 ? ? ? 1_555 B G 1  N2 ? ? A C 14 B G 15 1_555 ? ? ? ? ? ? WATSON-CRICK ? ? ? 
# 
_struct_conn_type.id          hydrog 
_struct_conn_type.criteria    ? 
_struct_conn_type.reference   ? 
# 
_pdbx_validate_rmsd_angle.id                         1 
_pdbx_validate_rmsd_angle.PDB_model_num              1 
_pdbx_validate_rmsd_angle.auth_atom_id_1             "O5'" 
_pdbx_validate_rmsd_angle.auth_asym_id_1             A 
_pdbx_validate_rmsd_angle.auth_comp_id_1             G 
_pdbx_validate_rmsd_angle.auth_seq_id_1              1 
_pdbx_validate_rmsd_angle.PDB_ins_code_1             ? 
_pdbx_validate_rmsd_angle.label_alt_id_1             ? 
_pdbx_validate_rmsd_angle.auth_atom_id_2             "C5'" 
_pdbx_validate_rmsd_angle.auth_asym_id_2             A 
_pdbx_validate_rmsd_angle.auth_comp_id_2             G 
_pdbx_validate_rmsd_angle.auth_seq_id_2              1 
_pdbx_validate_rmsd_angle.PDB_ins_code_2             ? 
_pdbx_validate_rmsd_angle.label_alt_id_2             ? 
_pdbx_validate_rmsd_angle.auth_atom_id_3             "C4'" 
_pdbx_validate_rmsd_angle.auth_asym_id_3             A 
_pdbx_validate_rmsd_angle.auth_comp_id_3             G 
_pdbx_validate_rmsd_angle.auth_seq_id_3              1 
_pdbx_validate_rmsd_angle.PDB_ins_code_3             ? 
_pdbx_validate_rmsd_angle.label_alt_id_3             ? 
_pdbx_validate_rmsd_angle.angle_value                104.38 
_pdbx_validate_rmsd_angle.angle_target_value         109.40 
_pdbx_validate_rmsd_angle.angle_deviation            -5.02 
_pdbx_validate_rmsd_angle.angle_standard_deviation   0.80 
_pdbx_validate_rmsd_angle.linker_flag                N 
# 
loop_
_pdbx_struct_special_symmetry.id 
_pdbx_struct_special_symmetry.PDB_model_num 
_pdbx_struct_special_symmetry.auth_asym_id 
_pdbx_struct_special_symmetry.auth_comp_id 
_pdbx_struct_special_symmetry.auth_seq_id 
_pdbx_struct_special_symmetry.PDB_ins_code 
_pdbx_struct_special_symmetry.label_asym_id 
_pdbx_struct_special_symmetry.label_comp_id 
_pdbx_struct_special_symmetry.label_seq_id 
1 1 A HOH 51 ? C HOH . 
2 1 A HOH 52 ? C HOH . 
3 1 A HOH 53 ? C HOH . 
4 1 B HOH 61 ? D HOH . 
# 
loop_
_chem_comp_atom.comp_id 
_chem_comp_atom.atom_id 
_chem_comp_atom.type_symbol 
_chem_comp_atom.pdbx_aromatic_flag 
_chem_comp_atom.pdbx_stereo_config 
_chem_comp_atom.pdbx_ordinal 
A   OP3    O N N 1   
A   P      P N N 2   
A   OP1    O N N 3   
A   OP2    O N N 4   
A   "O5'"  O N N 5   
A   "C5'"  C N N 6   
A   "C4'"  C N R 7   
A   "O4'"  O N N 8   
A   "C3'"  C N S 9   
A   "O3'"  O N N 10  
A   "C2'"  C N R 11  
A   "O2'"  O N N 12  
A   "C1'"  C N R 13  
A   N9     N Y N 14  
A   C8     C Y N 15  
A   N7     N Y N 16  
A   C5     C Y N 17  
A   C6     C Y N 18  
A   N6     N N N 19  
A   N1     N Y N 20  
A   C2     C Y N 21  
A   N3     N Y N 22  
A   C4     C Y N 23  
A   HOP3   H N N 24  
A   HOP2   H N N 25  
A   "H5'"  H N N 26  
A   "H5''" H N N 27  
A   "H4'"  H N N 28  
A   "H3'"  H N N 29  
A   "HO3'" H N N 30  
A   "H2'"  H N N 31  
A   "HO2'" H N N 32  
A   "H1'"  H N N 33  
A   H8     H N N 34  
A   H61    H N N 35  
A   H62    H N N 36  
A   H2     H N N 37  
C   OP3    O N N 38  
C   P      P N N 39  
C   OP1    O N N 40  
C   OP2    O N N 41  
C   "O5'"  O N N 42  
C   "C5'"  C N N 43  
C   "C4'"  C N R 44  
C   "O4'"  O N N 45  
C   "C3'"  C N S 46  
C   "O3'"  O N N 47  
C   "C2'"  C N R 48  
C   "O2'"  O N N 49  
C   "C1'"  C N R 50  
C   N1     N N N 51  
C   C2     C N N 52  
C   O2     O N N 53  
C   N3     N N N 54  
C   C4     C N N 55  
C   N4     N N N 56  
C   C5     C N N 57  
C   C6     C N N 58  
C   HOP3   H N N 59  
C   HOP2   H N N 60  
C   "H5'"  H N N 61  
C   "H5''" H N N 62  
C   "H4'"  H N N 63  
C   "H3'"  H N N 64  
C   "HO3'" H N N 65  
C   "H2'"  H N N 66  
C   "HO2'" H N N 67  
C   "H1'"  H N N 68  
C   H41    H N N 69  
C   H42    H N N 70  
C   H5     H N N 71  
C   H6     H N N 72  
G   OP3    O N N 73  
G   P      P N N 74  
G   OP1    O N N 75  
G   OP2    O N N 76  
G   "O5'"  O N N 77  
G   "C5'"  C N N 78  
G   "C4'"  C N R 79  
G   "O4'"  O N N 80  
G   "C3'"  C N S 81  
G   "O3'"  O N N 82  
G   "C2'"  C N R 83  
G   "O2'"  O N N 84  
G   "C1'"  C N R 85  
G   N9     N Y N 86  
G   C8     C Y N 87  
G   N7     N Y N 88  
G   C5     C Y N 89  
G   C6     C N N 90  
G   O6     O N N 91  
G   N1     N N N 92  
G   C2     C N N 93  
G   N2     N N N 94  
G   N3     N N N 95  
G   C4     C Y N 96  
G   HOP3   H N N 97  
G   HOP2   H N N 98  
G   "H5'"  H N N 99  
G   "H5''" H N N 100 
G   "H4'"  H N N 101 
G   "H3'"  H N N 102 
G   "HO3'" H N N 103 
G   "H2'"  H N N 104 
G   "HO2'" H N N 105 
G   "H1'"  H N N 106 
G   H8     H N N 107 
G   H1     H N N 108 
G   H21    H N N 109 
G   H22    H N N 110 
HOH O      O N N 111 
HOH H1     H N N 112 
HOH H2     H N N 113 
U   OP3    O N N 114 
U   P      P N N 115 
U   OP1    O N N 116 
U   OP2    O N N 117 
U   "O5'"  O N N 118 
U   "C5'"  C N N 119 
U   "C4'"  C N R 120 
U   "O4'"  O N N 121 
U   "C3'"  C N S 122 
U   "O3'"  O N N 123 
U   "C2'"  C N R 124 
U   "O2'"  O N N 125 
U   "C1'"  C N R 126 
U   N1     N N N 127 
U   C2     C N N 128 
U   O2     O N N 129 
U   N3     N N N 130 
U   C4     C N N 131 
U   O4     O N N 132 
U   C5     C N N 133 
U   C6     C N N 134 
U   HOP3   H N N 135 
U   HOP2   H N N 136 
U   "H5'"  H N N 137 
U   "H5''" H N N 138 
U   "H4'"  H N N 139 
U   "H3'"  H N N 140 
U   "HO3'" H N N 141 
U   "H2'"  H N N 142 
U   "HO2'" H N N 143 
U   "H1'"  H N N 144 
U   H3     H N N 145 
U   H5     H N N 146 
U   H6     H N N 147 
# 
loop_
_chem_comp_bond.comp_id 
_chem_comp_bond.atom_id_1 
_chem_comp_bond.atom_id_2 
_chem_comp_bond.value_order 
_chem_comp_bond.pdbx_aromatic_flag 
_chem_comp_bond.pdbx_stereo_config 
_chem_comp_bond.pdbx_ordinal 
A   OP3   P      sing N N 1   
A   OP3   HOP3   sing N N 2   
A   P     OP1    doub N N 3   
A   P     OP2    sing N N 4   
A   P     "O5'"  sing N N 5   
A   OP2   HOP2   sing N N 6   
A   "O5'" "C5'"  sing N N 7   
A   "C5'" "C4'"  sing N N 8   
A   "C5'" "H5'"  sing N N 9   
A   "C5'" "H5''" sing N N 10  
A   "C4'" "O4'"  sing N N 11  
A   "C4'" "C3'"  sing N N 12  
A   "C4'" "H4'"  sing N N 13  
A   "O4'" "C1'"  sing N N 14  
A   "C3'" "O3'"  sing N N 15  
A   "C3'" "C2'"  sing N N 16  
A   "C3'" "H3'"  sing N N 17  
A   "O3'" "HO3'" sing N N 18  
A   "C2'" "O2'"  sing N N 19  
A   "C2'" "C1'"  sing N N 20  
A   "C2'" "H2'"  sing N N 21  
A   "O2'" "HO2'" sing N N 22  
A   "C1'" N9     sing N N 23  
A   "C1'" "H1'"  sing N N 24  
A   N9    C8     sing Y N 25  
A   N9    C4     sing Y N 26  
A   C8    N7     doub Y N 27  
A   C8    H8     sing N N 28  
A   N7    C5     sing Y N 29  
A   C5    C6     sing Y N 30  
A   C5    C4     doub Y N 31  
A   C6    N6     sing N N 32  
A   C6    N1     doub Y N 33  
A   N6    H61    sing N N 34  
A   N6    H62    sing N N 35  
A   N1    C2     sing Y N 36  
A   C2    N3     doub Y N 37  
A   C2    H2     sing N N 38  
A   N3    C4     sing Y N 39  
C   OP3   P      sing N N 40  
C   OP3   HOP3   sing N N 41  
C   P     OP1    doub N N 42  
C   P     OP2    sing N N 43  
C   P     "O5'"  sing N N 44  
C   OP2   HOP2   sing N N 45  
C   "O5'" "C5'"  sing N N 46  
C   "C5'" "C4'"  sing N N 47  
C   "C5'" "H5'"  sing N N 48  
C   "C5'" "H5''" sing N N 49  
C   "C4'" "O4'"  sing N N 50  
C   "C4'" "C3'"  sing N N 51  
C   "C4'" "H4'"  sing N N 52  
C   "O4'" "C1'"  sing N N 53  
C   "C3'" "O3'"  sing N N 54  
C   "C3'" "C2'"  sing N N 55  
C   "C3'" "H3'"  sing N N 56  
C   "O3'" "HO3'" sing N N 57  
C   "C2'" "O2'"  sing N N 58  
C   "C2'" "C1'"  sing N N 59  
C   "C2'" "H2'"  sing N N 60  
C   "O2'" "HO2'" sing N N 61  
C   "C1'" N1     sing N N 62  
C   "C1'" "H1'"  sing N N 63  
C   N1    C2     sing N N 64  
C   N1    C6     sing N N 65  
C   C2    O2     doub N N 66  
C   C2    N3     sing N N 67  
C   N3    C4     doub N N 68  
C   C4    N4     sing N N 69  
C   C4    C5     sing N N 70  
C   N4    H41    sing N N 71  
C   N4    H42    sing N N 72  
C   C5    C6     doub N N 73  
C   C5    H5     sing N N 74  
C   C6    H6     sing N N 75  
G   OP3   P      sing N N 76  
G   OP3   HOP3   sing N N 77  
G   P     OP1    doub N N 78  
G   P     OP2    sing N N 79  
G   P     "O5'"  sing N N 80  
G   OP2   HOP2   sing N N 81  
G   "O5'" "C5'"  sing N N 82  
G   "C5'" "C4'"  sing N N 83  
G   "C5'" "H5'"  sing N N 84  
G   "C5'" "H5''" sing N N 85  
G   "C4'" "O4'"  sing N N 86  
G   "C4'" "C3'"  sing N N 87  
G   "C4'" "H4'"  sing N N 88  
G   "O4'" "C1'"  sing N N 89  
G   "C3'" "O3'"  sing N N 90  
G   "C3'" "C2'"  sing N N 91  
G   "C3'" "H3'"  sing N N 92  
G   "O3'" "HO3'" sing N N 93  
G   "C2'" "O2'"  sing N N 94  
G   "C2'" "C1'"  sing N N 95  
G   "C2'" "H2'"  sing N N 96  
G   "O2'" "HO2'" sing N N 97  
G   "C1'" N9     sing N N 98  
G   "C1'" "H1'"  sing N N 99  
G   N9    C8     sing Y N 100 
G   N9    C4     sing Y N 101 
G   C8    N7     doub Y N 102 
G   C8    H8     sing N N 103 
G   N7    C5     sing Y N 104 
G   C5    C6     sing N N 105 
G   C5    C4     doub Y N 106 
G   C6    O6     doub N N 107 
G   C6    N1     sing N N 108 
G   N1    C2     sing N N 109 
G   N1    H1     sing N N 110 
G   C2    N2     sing N N 111 
G   C2    N3     doub N N 112 
G   N2    H21    sing N N 113 
G   N2    H22    sing N N 114 
G   N3    C4     sing N N 115 
HOH O     H1     sing N N 116 
HOH O     H2     sing N N 117 
U   OP3   P      sing N N 118 
U   OP3   HOP3   sing N N 119 
U   P     OP1    doub N N 120 
U   P     OP2    sing N N 121 
U   P     "O5'"  sing N N 122 
U   OP2   HOP2   sing N N 123 
U   "O5'" "C5'"  sing N N 124 
U   "C5'" "C4'"  sing N N 125 
U   "C5'" "H5'"  sing N N 126 
U   "C5'" "H5''" sing N N 127 
U   "C4'" "O4'"  sing N N 128 
U   "C4'" "C3'"  sing N N 129 
U   "C4'" "H4'"  sing N N 130 
U   "O4'" "C1'"  sing N N 131 
U   "C3'" "O3'"  sing N N 132 
U   "C3'" "C2'"  sing N N 133 
U   "C3'" "H3'"  sing N N 134 
U   "O3'" "HO3'" sing N N 135 
U   "C2'" "O2'"  sing N N 136 
U   "C2'" "C1'"  sing N N 137 
U   "C2'" "H2'"  sing N N 138 
U   "O2'" "HO2'" sing N N 139 
U   "C1'" N1     sing N N 140 
U   "C1'" "H1'"  sing N N 141 
U   N1    C2     sing N N 142 
U   N1    C6     sing N N 143 
U   C2    O2     doub N N 144 
U   C2    N3     sing N N 145 
U   N3    C4     sing N N 146 
U   N3    H3     sing N N 147 
U   C4    O4     doub N N 148 
U   C4    C5     sing N N 149 
U   C5    C6     doub N N 150 
U   C5    H5     sing N N 151 
U   C6    H6     sing N N 152 
# 
loop_
_ndb_struct_conf_na.entry_id 
_ndb_struct_conf_na.feature 
433D 'double helix'         
433D 'a-form double helix'  
433D 'mismatched base pair' 
# 
loop_
_ndb_struct_na_base_pair.model_number 
_ndb_struct_na_base_pair.i_label_asym_id 
_ndb_struct_na_base_pair.i_label_comp_id 
_ndb_struct_na_base_pair.i_label_seq_id 
_ndb_struct_na_base_pair.i_symmetry 
_ndb_struct_na_base_pair.j_label_asym_id 
_ndb_struct_na_base_pair.j_label_comp_id 
_ndb_struct_na_base_pair.j_label_seq_id 
_ndb_struct_na_base_pair.j_symmetry 
_ndb_struct_na_base_pair.shear 
_ndb_struct_na_base_pair.stretch 
_ndb_struct_na_base_pair.stagger 
_ndb_struct_na_base_pair.buckle 
_ndb_struct_na_base_pair.propeller 
_ndb_struct_na_base_pair.opening 
_ndb_struct_na_base_pair.pair_number 
_ndb_struct_na_base_pair.pair_name 
_ndb_struct_na_base_pair.i_auth_asym_id 
_ndb_struct_na_base_pair.i_auth_seq_id 
_ndb_struct_na_base_pair.i_PDB_ins_code 
_ndb_struct_na_base_pair.j_auth_asym_id 
_ndb_struct_na_base_pair.j_auth_seq_id 
_ndb_struct_na_base_pair.j_PDB_ins_code 
_ndb_struct_na_base_pair.hbond_type_28 
_ndb_struct_na_base_pair.hbond_type_12 
1 A G 1  1_555 B C 14 1_555 -0.198 -0.264 0.373  -1.589  -11.914 -0.077 1  A_G1:C28_B  A 1  ? B 28 ? 19 1 
1 A G 2  1_555 B C 13 1_555 -0.293 -0.240 0.349  -2.476  -16.017 -2.950 2  A_G2:C27_B  A 2  ? B 27 ? 19 1 
1 A U 3  1_555 B A 12 1_555 -0.661 0.072  0.002  -7.659  -8.692  0.679  3  A_U3:A26_B  A 3  ? B 26 ? 20 1 
1 A A 4  1_555 B U 11 1_555 0.282  0.249  -0.184 0.137   -8.586  6.121  4  A_A4:U25_B  A 4  ? B 25 ? 20 1 
1 A U 5  1_555 B G 10 1_555 2.626  -0.479 -0.206 9.247   -11.613 8.807  5  A_U5:G24_B  A 5  ? B 24 ? 28 1 
1 A U 6  1_555 B G 9  1_555 2.373  -0.440 -0.291 5.432   -16.831 1.112  6  A_U6:G23_B  A 6  ? B 23 ? 28 ? 
1 A G 7  1_555 B C 8  1_555 -0.357 -0.101 0.307  -1.252  -3.123  -3.489 7  A_G7:C22_B  A 7  ? B 22 ? 19 1 
1 A C 8  1_555 B G 7  1_555 0.411  -0.008 -0.050 7.584   -5.801  -1.635 8  A_C8:G21_B  A 8  ? B 21 ? 19 1 
1 A G 9  1_555 B U 6  1_555 -2.324 -0.555 -0.472 -8.102  -14.948 6.467  9  A_G9:U20_B  A 9  ? B 20 ? 28 1 
1 A G 10 1_555 B U 5  1_555 -2.247 -0.364 -0.424 -15.135 -14.266 5.215  10 A_G10:U19_B A 10 ? B 19 ? 28 1 
1 A U 11 1_555 B A 4  1_555 -0.229 -0.009 0.546  -9.461  -8.992  -1.367 11 A_U11:A18_B A 11 ? B 18 ? 20 1 
1 A A 12 1_555 B U 3  1_555 -0.090 -0.033 -0.148 0.370   -10.173 1.116  12 A_A12:U17_B A 12 ? B 17 ? 20 1 
1 A C 13 1_555 B G 2  1_555 -0.420 -0.305 0.136  1.059   -3.758  -2.411 13 A_C13:G16_B A 13 ? B 16 ? 19 1 
1 A C 14 1_555 B G 1  1_555 0.324  -0.314 -0.144 12.353  1.034   1.115  14 A_C14:G15_B A 14 ? B 15 ? 19 1 
# 
loop_
_ndb_struct_na_base_pair_step.model_number 
_ndb_struct_na_base_pair_step.i_label_asym_id_1 
_ndb_struct_na_base_pair_step.i_label_comp_id_1 
_ndb_struct_na_base_pair_step.i_label_seq_id_1 
_ndb_struct_na_base_pair_step.i_symmetry_1 
_ndb_struct_na_base_pair_step.j_label_asym_id_1 
_ndb_struct_na_base_pair_step.j_label_comp_id_1 
_ndb_struct_na_base_pair_step.j_label_seq_id_1 
_ndb_struct_na_base_pair_step.j_symmetry_1 
_ndb_struct_na_base_pair_step.i_label_asym_id_2 
_ndb_struct_na_base_pair_step.i_label_comp_id_2 
_ndb_struct_na_base_pair_step.i_label_seq_id_2 
_ndb_struct_na_base_pair_step.i_symmetry_2 
_ndb_struct_na_base_pair_step.j_label_asym_id_2 
_ndb_struct_na_base_pair_step.j_label_comp_id_2 
_ndb_struct_na_base_pair_step.j_label_seq_id_2 
_ndb_struct_na_base_pair_step.j_symmetry_2 
_ndb_struct_na_base_pair_step.shift 
_ndb_struct_na_base_pair_step.slide 
_ndb_struct_na_base_pair_step.rise 
_ndb_struct_na_base_pair_step.tilt 
_ndb_struct_na_base_pair_step.roll 
_ndb_struct_na_base_pair_step.twist 
_ndb_struct_na_base_pair_step.x_displacement 
_ndb_struct_na_base_pair_step.y_displacement 
_ndb_struct_na_base_pair_step.helical_rise 
_ndb_struct_na_base_pair_step.inclination 
_ndb_struct_na_base_pair_step.tip 
_ndb_struct_na_base_pair_step.helical_twist 
_ndb_struct_na_base_pair_step.step_number 
_ndb_struct_na_base_pair_step.step_name 
_ndb_struct_na_base_pair_step.i_auth_asym_id_1 
_ndb_struct_na_base_pair_step.i_auth_seq_id_1 
_ndb_struct_na_base_pair_step.i_PDB_ins_code_1 
_ndb_struct_na_base_pair_step.j_auth_asym_id_1 
_ndb_struct_na_base_pair_step.j_auth_seq_id_1 
_ndb_struct_na_base_pair_step.j_PDB_ins_code_1 
_ndb_struct_na_base_pair_step.i_auth_asym_id_2 
_ndb_struct_na_base_pair_step.i_auth_seq_id_2 
_ndb_struct_na_base_pair_step.i_PDB_ins_code_2 
_ndb_struct_na_base_pair_step.j_auth_asym_id_2 
_ndb_struct_na_base_pair_step.j_auth_seq_id_2 
_ndb_struct_na_base_pair_step.j_PDB_ins_code_2 
1 A G 1  1_555 B C 14 1_555 A G 2  1_555 B C 13 1_555 -0.784 -1.766 3.198 -2.731 3.535  34.827 -3.437  0.908  3.060 5.875  4.539   
35.103 1  AA_G1G2:C27C28_BB   A 1  ? B 28 ? A 2  ? B 27 ? 
1 A G 2  1_555 B C 13 1_555 A U 3  1_555 B A 12 1_555 0.054  -1.281 3.355 -0.216 9.670  29.013 -4.283  -0.144 2.793 18.659 0.418   
30.550 2  AA_G2U3:A26C27_BB   A 2  ? B 27 ? A 3  ? B 26 ? 
1 A U 3  1_555 B A 12 1_555 A A 4  1_555 B U 11 1_555 0.371  -1.435 3.110 1.086  8.866  35.237 -3.419  -0.459 2.692 14.363 -1.760  
36.316 3  AA_U3A4:U25A26_BB   A 3  ? B 26 ? A 4  ? B 25 ? 
1 A A 4  1_555 B U 11 1_555 A U 5  1_555 B G 10 1_555 0.122  -1.173 3.050 0.514  5.655  40.681 -2.232  -0.123 2.870 8.086  -0.735  
41.059 4  AA_A4U5:G24U25_BB   A 4  ? B 25 ? A 5  ? B 24 ? 
1 A U 5  1_555 B G 10 1_555 A U 6  1_555 B G 9  1_555 -0.284 -1.914 3.307 5.164  5.782  32.148 -4.300  1.335  2.851 10.256 -9.159  
33.045 5  AA_U5U6:G23G24_BB   A 5  ? B 24 ? A 6  ? B 23 ? 
1 A U 6  1_555 B G 9  1_555 A G 7  1_555 B C 8  1_555 -1.743 -2.056 3.236 -3.170 13.664 18.949 -8.862  3.385  1.662 35.821 8.311   
23.538 6  AA_U6G7:C22G23_BB   A 6  ? B 23 ? A 7  ? B 22 ? 
1 A G 7  1_555 B C 8  1_555 A C 8  1_555 B G 7  1_555 0.310  -1.404 3.163 3.538  7.884  33.405 -3.501  -0.016 2.787 13.438 -6.030  
34.474 7  AA_G7C8:G21C22_BB   A 7  ? B 22 ? A 8  ? B 21 ? 
1 A C 8  1_555 B G 7  1_555 A G 9  1_555 B U 6  1_555 2.200  -2.310 3.662 4.942  10.389 16.788 -11.306 -3.969 2.388 31.251 -14.866 
20.329 8  AA_C8G9:U20G21_BB   A 8  ? B 21 ? A 9  ? B 20 ? 
1 A G 9  1_555 B U 6  1_555 A G 10 1_555 B U 5  1_555 -0.161 -2.111 3.496 -3.493 5.751  33.220 -4.565  -0.297 3.098 9.933  6.033   
33.876 9  AA_G9G10:U19U20_BB  A 9  ? B 20 ? A 10 ? B 19 ? 
1 A G 10 1_555 B U 5  1_555 A U 11 1_555 B A 4  1_555 -0.304 -1.444 3.134 -7.069 2.634  38.050 -2.482  -0.366 3.038 3.992  10.714  
38.763 10 AA_G10U11:A18U19_BB A 10 ? B 19 ? A 11 ? B 18 ? 
1 A U 11 1_555 B A 4  1_555 A A 12 1_555 B U 3  1_555 -0.182 -1.527 2.919 5.765  7.348  32.083 -3.680  1.117  2.450 12.956 -10.164 
33.381 11 AA_U11A12:U17A18_BB A 11 ? B 18 ? A 12 ? B 17 ? 
1 A A 12 1_555 B U 3  1_555 A C 13 1_555 B G 2  1_555 0.818  -1.664 3.216 -3.418 11.491 26.822 -5.436  -2.255 2.212 23.346 6.944   
29.334 12 AA_A12C13:G16U17_BB A 12 ? B 17 ? A 13 ? B 16 ? 
1 A C 13 1_555 B G 2  1_555 A C 14 1_555 B G 1  1_555 0.284  -2.049 2.914 1.688  -1.395 33.559 -3.335  -0.242 3.005 -2.412 -2.920  
33.628 13 AA_C13C14:G15G16_BB A 13 ? B 16 ? A 14 ? B 15 ? 
# 
_atom_sites.entry_id                    433D 
_atom_sites.fract_transf_matrix[1][1]   -0.02154505 
_atom_sites.fract_transf_matrix[1][2]   -0.00872644 
_atom_sites.fract_transf_matrix[1][3]   -0.01032118 
_atom_sites.fract_transf_matrix[2][1]   -0.00233920 
_atom_sites.fract_transf_matrix[2][2]   -0.02470716 
_atom_sites.fract_transf_matrix[2][3]   -0.00556530 
_atom_sites.fract_transf_matrix[3][1]   -0.00249149 
_atom_sites.fract_transf_matrix[3][2]   -0.00115572 
_atom_sites.fract_transf_matrix[3][3]   0.00617802 
_atom_sites.fract_transf_vector[1]      0.242284 
_atom_sites.fract_transf_vector[2]      0.354928 
_atom_sites.fract_transf_vector[3]      0.128481 
# 
loop_
_atom_type.symbol 
C 
N 
O 
P 
# 
loop_
_atom_site.group_PDB 
_atom_site.id 
_atom_site.type_symbol 
_atom_site.label_atom_id 
_atom_site.label_alt_id 
_atom_site.label_comp_id 
_atom_site.label_asym_id 
_atom_site.label_entity_id 
_atom_site.label_seq_id 
_atom_site.pdbx_PDB_ins_code 
_atom_site.Cartn_x 
_atom_site.Cartn_y 
_atom_site.Cartn_z 
_atom_site.occupancy 
_atom_site.B_iso_or_equiv 
_atom_site.pdbx_formal_charge 
_atom_site.auth_seq_id 
_atom_site.auth_comp_id 
_atom_site.auth_asym_id 
_atom_site.auth_atom_id 
_atom_site.pdbx_PDB_model_num 
ATOM   1   O "O5'" . G   A 1 1  ? 1.423   -5.981  13.359  1.00 45.31 ? 1  G   A "O5'" 1 
ATOM   2   C "C5'" . G   A 1 1  ? 2.292   -6.976  13.902  1.00 21.50 ? 1  G   A "C5'" 1 
ATOM   3   C "C4'" . G   A 1 1  ? 1.425   -8.197  14.032  1.00 12.02 ? 1  G   A "C4'" 1 
ATOM   4   O "O4'" . G   A 1 1  ? 0.597   -8.078  15.207  1.00 26.03 ? 1  G   A "O4'" 1 
ATOM   5   C "C3'" . G   A 1 1  ? 0.441   -8.287  12.895  1.00 8.24  ? 1  G   A "C3'" 1 
ATOM   6   O "O3'" . G   A 1 1  ? 0.991   -8.921  11.786  1.00 18.17 ? 1  G   A "O3'" 1 
ATOM   7   C "C2'" . G   A 1 1  ? -0.710  -9.049  13.504  1.00 3.82  ? 1  G   A "C2'" 1 
ATOM   8   O "O2'" . G   A 1 1  ? -0.362  -10.423 13.555  1.00 12.80 ? 1  G   A "O2'" 1 
ATOM   9   C "C1'" . G   A 1 1  ? -0.712  -8.489  14.913  1.00 2.04  ? 1  G   A "C1'" 1 
ATOM   10  N N9    . G   A 1 1  ? -1.574  -7.332  15.054  1.00 18.76 ? 1  G   A N9    1 
ATOM   11  C C8    . G   A 1 1  ? -1.180  -6.059  15.378  1.00 19.39 ? 1  G   A C8    1 
ATOM   12  N N7    . G   A 1 1  ? -2.177  -5.228  15.481  1.00 15.26 ? 1  G   A N7    1 
ATOM   13  C C5    . G   A 1 1  ? -3.297  -6.007  15.201  1.00 9.68  ? 1  G   A C5    1 
ATOM   14  C C6    . G   A 1 1  ? -4.670  -5.671  15.197  1.00 20.01 ? 1  G   A C6    1 
ATOM   15  O O6    . G   A 1 1  ? -5.183  -4.576  15.422  1.00 12.69 ? 1  G   A O6    1 
ATOM   16  N N1    . G   A 1 1  ? -5.473  -6.770  14.894  1.00 10.58 ? 1  G   A N1    1 
ATOM   17  C C2    . G   A 1 1  ? -4.997  -8.019  14.608  1.00 14.20 ? 1  G   A C2    1 
ATOM   18  N N2    . G   A 1 1  ? -5.899  -8.951  14.298  1.00 17.99 ? 1  G   A N2    1 
ATOM   19  N N3    . G   A 1 1  ? -3.720  -8.342  14.614  1.00 21.56 ? 1  G   A N3    1 
ATOM   20  C C4    . G   A 1 1  ? -2.934  -7.298  14.923  1.00 12.80 ? 1  G   A C4    1 
ATOM   21  P P     . G   A 1 2  ? 0.539   -8.462  10.339  1.00 20.44 ? 2  G   A P     1 
ATOM   22  O OP1   . G   A 1 2  ? 1.446   -9.081  9.335   1.00 31.98 ? 2  G   A OP1   1 
ATOM   23  O OP2   . G   A 1 2  ? 0.456   -6.999  10.446  1.00 11.50 ? 2  G   A OP2   1 
ATOM   24  O "O5'" . G   A 1 2  ? -0.918  -9.077  10.198  1.00 14.12 ? 2  G   A "O5'" 1 
ATOM   25  C "C5'" . G   A 1 2  ? -1.106  -10.498 10.136  1.00 16.97 ? 2  G   A "C5'" 1 
ATOM   26  C "C4'" . G   A 1 2  ? -2.567  -10.817 9.949   1.00 19.28 ? 2  G   A "C4'" 1 
ATOM   27  O "O4'" . G   A 1 2  ? -3.324  -10.429 11.121  1.00 8.48  ? 2  G   A "O4'" 1 
ATOM   28  C "C3'" . G   A 1 2  ? -3.256  -10.079 8.818   1.00 8.52  ? 2  G   A "C3'" 1 
ATOM   29  O "O3'" . G   A 1 2  ? -2.991  -10.693 7.588   1.00 21.35 ? 2  G   A "O3'" 1 
ATOM   30  C "C2'" . G   A 1 2  ? -4.714  -10.153 9.237   1.00 10.23 ? 2  G   A "C2'" 1 
ATOM   31  O "O2'" . G   A 1 2  ? -5.234  -11.462 9.063   1.00 9.11  ? 2  G   A "O2'" 1 
ATOM   32  C "C1'" . G   A 1 2  ? -4.587  -9.947  10.732  1.00 12.27 ? 2  G   A "C1'" 1 
ATOM   33  N N9    . G   A 1 2  ? -4.654  -8.540  11.067  1.00 5.24  ? 2  G   A N9    1 
ATOM   34  C C8    . G   A 1 2  ? -3.605  -7.706  11.345  1.00 8.29  ? 2  G   A C8    1 
ATOM   35  N N7    . G   A 1 2  ? -3.984  -6.493  11.641  1.00 14.64 ? 2  G   A N7    1 
ATOM   36  C C5    . G   A 1 2  ? -5.366  -6.539  11.540  1.00 5.57  ? 2  G   A C5    1 
ATOM   37  C C6    . G   A 1 2  ? -6.321  -5.541  11.747  1.00 14.87 ? 2  G   A C6    1 
ATOM   38  O O6    . G   A 1 2  ? -6.143  -4.354  12.076  1.00 10.34 ? 2  G   A O6    1 
ATOM   39  N N1    . G   A 1 2  ? -7.605  -6.015  11.539  1.00 5.23  ? 2  G   A N1    1 
ATOM   40  C C2    . G   A 1 2  ? -7.917  -7.277  11.183  1.00 13.73 ? 2  G   A C2    1 
ATOM   41  N N2    . G   A 1 2  ? -9.209  -7.514  11.010  1.00 10.27 ? 2  G   A N2    1 
ATOM   42  N N3    . G   A 1 2  ? -7.035  -8.235  10.996  1.00 22.18 ? 2  G   A N3    1 
ATOM   43  C C4    . G   A 1 2  ? -5.787  -7.795  11.184  1.00 11.60 ? 2  G   A C4    1 
ATOM   44  P P     . U   A 1 3  ? -2.823  -9.797  6.280   1.00 23.74 ? 3  U   A P     1 
ATOM   45  O OP1   . U   A 1 3  ? -2.360  -10.678 5.183   1.00 26.33 ? 3  U   A OP1   1 
ATOM   46  O OP2   . U   A 1 3  ? -2.052  -8.591  6.624   1.00 22.70 ? 3  U   A OP2   1 
ATOM   47  O "O5'" . U   A 1 3  ? -4.316  -9.394  5.968   1.00 14.41 ? 3  U   A "O5'" 1 
ATOM   48  C "C5'" . U   A 1 3  ? -5.228  -10.400 5.599   1.00 5.76  ? 3  U   A "C5'" 1 
ATOM   49  C "C4'" . U   A 1 3  ? -6.616  -9.827  5.572   1.00 11.27 ? 3  U   A "C4'" 1 
ATOM   50  O "O4'" . U   A 1 3  ? -6.985  -9.420  6.902   1.00 23.96 ? 3  U   A "O4'" 1 
ATOM   51  C "C3'" . U   A 1 3  ? -6.767  -8.551  4.763   1.00 11.70 ? 3  U   A "C3'" 1 
ATOM   52  O "O3'" . U   A 1 3  ? -6.875  -8.801  3.389   1.00 21.03 ? 3  U   A "O3'" 1 
ATOM   53  C "C2'" . U   A 1 3  ? -8.034  -7.987  5.352   1.00 20.45 ? 3  U   A "C2'" 1 
ATOM   54  O "O2'" . U   A 1 3  ? -9.127  -8.753  4.892   1.00 32.44 ? 3  U   A "O2'" 1 
ATOM   55  C "C1'" . U   A 1 3  ? -7.828  -8.301  6.831   1.00 17.12 ? 3  U   A "C1'" 1 
ATOM   56  N N1    . U   A 1 3  ? -7.165  -7.183  7.503   1.00 10.93 ? 3  U   A N1    1 
ATOM   57  C C2    . U   A 1 3  ? -7.939  -6.075  7.806   1.00 9.62  ? 3  U   A C2    1 
ATOM   58  O O2    . U   A 1 3  ? -9.117  -6.012  7.567   1.00 23.69 ? 3  U   A O2    1 
ATOM   59  N N3    . U   A 1 3  ? -7.277  -5.044  8.397   1.00 11.58 ? 3  U   A N3    1 
ATOM   60  C C4    . U   A 1 3  ? -5.953  -5.010  8.711   1.00 15.21 ? 3  U   A C4    1 
ATOM   61  O O4    . U   A 1 3  ? -5.486  -3.978  9.184   1.00 18.34 ? 3  U   A O4    1 
ATOM   62  C C5    . U   A 1 3  ? -5.223  -6.206  8.383   1.00 19.23 ? 3  U   A C5    1 
ATOM   63  C C6    . U   A 1 3  ? -5.846  -7.225  7.805   1.00 11.81 ? 3  U   A C6    1 
ATOM   64  P P     . A   A 1 4  ? -6.433  -7.668  2.342   1.00 18.72 ? 4  A   A P     1 
ATOM   65  O OP1   . A   A 1 4  ? -6.558  -8.247  0.966   1.00 17.39 ? 4  A   A OP1   1 
ATOM   66  O OP2   . A   A 1 4  ? -5.122  -7.163  2.818   1.00 23.28 ? 4  A   A OP2   1 
ATOM   67  O "O5'" . A   A 1 4  ? -7.522  -6.526  2.543   1.00 18.69 ? 4  A   A "O5'" 1 
ATOM   68  C "C5'" . A   A 1 4  ? -8.854  -6.695  2.033   1.00 21.53 ? 4  A   A "C5'" 1 
ATOM   69  C "C4'" . A   A 1 4  ? -9.702  -5.486  2.343   1.00 16.78 ? 4  A   A "C4'" 1 
ATOM   70  O "O4'" . A   A 1 4  ? -9.692  -5.258  3.768   1.00 24.35 ? 4  A   A "O4'" 1 
ATOM   71  C "C3'" . A   A 1 4  ? -9.278  -4.141  1.755   1.00 24.57 ? 4  A   A "C3'" 1 
ATOM   72  O "O3'" . A   A 1 4  ? -9.711  -3.957  0.432   1.00 17.00 ? 4  A   A "O3'" 1 
ATOM   73  C "C2'" . A   A 1 4  ? -9.912  -3.146  2.702   1.00 12.96 ? 4  A   A "C2'" 1 
ATOM   74  O "O2'" . A   A 1 4  ? -11.295 -3.040  2.389   1.00 14.41 ? 4  A   A "O2'" 1 
ATOM   75  C "C1'" . A   A 1 4  ? -9.751  -3.870  4.039   1.00 27.25 ? 4  A   A "C1'" 1 
ATOM   76  N N9    . A   A 1 4  ? -8.521  -3.492  4.737   1.00 24.67 ? 4  A   A N9    1 
ATOM   77  C C8    . A   A 1 4  ? -7.343  -4.196  4.759   1.00 21.02 ? 4  A   A C8    1 
ATOM   78  N N7    . A   A 1 4  ? -6.407  -3.633  5.479   1.00 12.45 ? 4  A   A N7    1 
ATOM   79  C C5    . A   A 1 4  ? -7.009  -2.471  5.962   1.00 7.47  ? 4  A   A C5    1 
ATOM   80  C C6    . A   A 1 4  ? -6.537  -1.418  6.800   1.00 9.30  ? 4  A   A C6    1 
ATOM   81  N N6    . A   A 1 4  ? -5.287  -1.349  7.288   1.00 15.38 ? 4  A   A N6    1 
ATOM   82  N N1    . A   A 1 4  ? -7.402  -0.426  7.110   1.00 6.95  ? 4  A   A N1    1 
ATOM   83  C C2    . A   A 1 4  ? -8.639  -0.479  6.586   1.00 10.17 ? 4  A   A C2    1 
ATOM   84  N N3    . A   A 1 4  ? -9.183  -1.398  5.784   1.00 20.60 ? 4  A   A N3    1 
ATOM   85  C C4    . A   A 1 4  ? -8.308  -2.377  5.514   1.00 8.36  ? 4  A   A C4    1 
ATOM   86  P P     . U   A 1 5  ? -9.016  -2.829  -0.480  1.00 28.56 ? 5  U   A P     1 
ATOM   87  O OP1   . U   A 1 5  ? -9.813  -2.698  -1.726  1.00 35.61 ? 5  U   A OP1   1 
ATOM   88  O OP2   . U   A 1 5  ? -7.554  -3.128  -0.553  1.00 18.69 ? 5  U   A OP2   1 
ATOM   89  O "O5'" . U   A 1 5  ? -9.220  -1.486  0.336   1.00 20.39 ? 5  U   A "O5'" 1 
ATOM   90  C "C5'" . U   A 1 5  ? -10.429 -0.762  0.246   1.00 6.93  ? 5  U   A "C5'" 1 
ATOM   91  C "C4'" . U   A 1 5  ? -10.304 0.523   1.017   1.00 16.27 ? 5  U   A "C4'" 1 
ATOM   92  O "O4'" . U   A 1 5  ? -9.887  0.227   2.375   1.00 27.49 ? 5  U   A "O4'" 1 
ATOM   93  C "C3'" . U   A 1 5  ? -9.253  1.496   0.512   1.00 18.37 ? 5  U   A "C3'" 1 
ATOM   94  O "O3'" . U   A 1 5  ? -9.750  2.275   -0.559  1.00 10.77 ? 5  U   A "O3'" 1 
ATOM   95  C "C2'" . U   A 1 5  ? -8.936  2.311   1.757   1.00 1.81  ? 5  U   A "C2'" 1 
ATOM   96  O "O2'" . U   A 1 5  ? -9.989  3.227   2.005   1.00 22.53 ? 5  U   A "O2'" 1 
ATOM   97  C "C1'" . U   A 1 5  ? -9.036  1.244   2.848   1.00 18.56 ? 5  U   A "C1'" 1 
ATOM   98  N N1    . U   A 1 5  ? -7.744  0.636   3.172   1.00 14.28 ? 5  U   A N1    1 
ATOM   99  C C2    . U   A 1 5  ? -6.947  1.230   4.141   1.00 11.94 ? 5  U   A C2    1 
ATOM   100 O O2    . U   A 1 5  ? -7.254  2.265   4.732   1.00 17.25 ? 5  U   A O2    1 
ATOM   101 N N3    . U   A 1 5  ? -5.772  0.573   4.398   1.00 4.78  ? 5  U   A N3    1 
ATOM   102 C C4    . U   A 1 5  ? -5.318  -0.564  3.807   1.00 13.61 ? 5  U   A C4    1 
ATOM   103 O O4    . U   A 1 5  ? -4.209  -1.000  4.119   1.00 14.36 ? 5  U   A O4    1 
ATOM   104 C C5    . U   A 1 5  ? -6.198  -1.116  2.815   1.00 28.37 ? 5  U   A C5    1 
ATOM   105 C C6    . U   A 1 5  ? -7.355  -0.506  2.539   1.00 3.49  ? 5  U   A C6    1 
ATOM   106 P P     . U   A 1 6  ? -8.742  2.896   -1.624  1.00 17.14 ? 6  U   A P     1 
ATOM   107 O OP1   . U   A 1 6  ? -9.591  3.556   -2.650  1.00 23.87 ? 6  U   A OP1   1 
ATOM   108 O OP2   . U   A 1 6  ? -7.740  1.893   -2.050  1.00 12.03 ? 6  U   A OP2   1 
ATOM   109 O "O5'" . U   A 1 6  ? -7.992  4.031   -0.783  1.00 21.94 ? 6  U   A "O5'" 1 
ATOM   110 C "C5'" . U   A 1 6  ? -8.705  5.232   -0.344  1.00 12.25 ? 6  U   A "C5'" 1 
ATOM   111 C "C4'" . U   A 1 6  ? -7.856  6.062   0.593   1.00 7.81  ? 6  U   A "C4'" 1 
ATOM   112 O "O4'" . U   A 1 6  ? -7.535  5.290   1.773   1.00 11.82 ? 6  U   A "O4'" 1 
ATOM   113 C "C3'" . U   A 1 6  ? -6.506  6.588   0.120   1.00 1.81  ? 6  U   A "C3'" 1 
ATOM   114 O "O3'" . U   A 1 6  ? -6.668  7.743   -0.671  1.00 7.23  ? 6  U   A "O3'" 1 
ATOM   115 C "C2'" . U   A 1 6  ? -5.809  6.876   1.444   1.00 1.81  ? 6  U   A "C2'" 1 
ATOM   116 O "O2'" . U   A 1 6  ? -6.409  8.030   2.007   1.00 18.26 ? 6  U   A "O2'" 1 
ATOM   117 C "C1'" . U   A 1 6  ? -6.290  5.704   2.293   1.00 20.23 ? 6  U   A "C1'" 1 
ATOM   118 N N1    . U   A 1 6  ? -5.373  4.558   2.258   1.00 14.27 ? 6  U   A N1    1 
ATOM   119 C C2    . U   A 1 6  ? -4.342  4.524   3.176   1.00 11.30 ? 6  U   A C2    1 
ATOM   120 O O2    . U   A 1 6  ? -4.172  5.385   4.006   1.00 15.86 ? 6  U   A O2    1 
ATOM   121 N N3    . U   A 1 6  ? -3.522  3.431   3.086   1.00 7.60  ? 6  U   A N3    1 
ATOM   122 C C4    . U   A 1 6  ? -3.631  2.375   2.202   1.00 11.89 ? 6  U   A C4    1 
ATOM   123 O O4    . U   A 1 6  ? -2.806  1.449   2.245   1.00 16.27 ? 6  U   A O4    1 
ATOM   124 C C5    . U   A 1 6  ? -4.733  2.479   1.294   1.00 8.13  ? 6  U   A C5    1 
ATOM   125 C C6    . U   A 1 6  ? -5.542  3.551   1.348   1.00 5.04  ? 6  U   A C6    1 
ATOM   126 P P     . G   A 1 7  ? -5.440  8.319   -1.539  1.00 9.81  ? 7  G   A P     1 
ATOM   127 O OP1   . G   A 1 7  ? -6.009  9.317   -2.508  1.00 14.90 ? 7  G   A OP1   1 
ATOM   128 O OP2   . G   A 1 7  ? -4.729  7.143   -2.046  1.00 3.70  ? 7  G   A OP2   1 
ATOM   129 O "O5'" . G   A 1 7  ? -4.494  9.086   -0.489  1.00 3.40  ? 7  G   A "O5'" 1 
ATOM   130 C "C5'" . G   A 1 7  ? -4.861  10.388  0.046   1.00 3.24  ? 7  G   A "C5'" 1 
ATOM   131 C "C4'" . G   A 1 7  ? -3.687  11.043  0.734   1.00 1.81  ? 7  G   A "C4'" 1 
ATOM   132 O "O4'" . G   A 1 7  ? -3.380  10.352  1.965   1.00 14.48 ? 7  G   A "O4'" 1 
ATOM   133 C "C3'" . G   A 1 7  ? -2.363  11.085  -0.011  1.00 2.00  ? 7  G   A "C3'" 1 
ATOM   134 O "O3'" . G   A 1 7  ? -2.297  12.161  -0.918  1.00 4.39  ? 7  G   A "O3'" 1 
ATOM   135 C "C2'" . G   A 1 7  ? -1.363  11.233  1.110   1.00 1.81  ? 7  G   A "C2'" 1 
ATOM   136 O "O2'" . G   A 1 7  ? -1.420  12.574  1.557   1.00 1.81  ? 7  G   A "O2'" 1 
ATOM   137 C "C1'" . G   A 1 7  ? -1.988  10.351  2.178   1.00 7.59  ? 7  G   A "C1'" 1 
ATOM   138 N N9    . G   A 1 7  ? -1.519  8.971   2.102   1.00 5.86  ? 7  G   A N9    1 
ATOM   139 C C8    . G   A 1 7  ? -2.157  7.934   1.490   1.00 2.82  ? 7  G   A C8    1 
ATOM   140 N N7    . G   A 1 7  ? -1.528  6.801   1.617   1.00 3.45  ? 7  G   A N7    1 
ATOM   141 C C5    . G   A 1 7  ? -0.404  7.116   2.353   1.00 1.93  ? 7  G   A C5    1 
ATOM   142 C C6    . G   A 1 7  ? 0.624   6.298   2.815   1.00 4.98  ? 7  G   A C6    1 
ATOM   143 O O6    . G   A 1 7  ? 0.784   5.083   2.635   1.00 7.39  ? 7  G   A O6    1 
ATOM   144 N N1    . G   A 1 7  ? 1.553   7.013   3.548   1.00 2.29  ? 7  G   A N1    1 
ATOM   145 C C2    . G   A 1 7  ? 1.496   8.352   3.790   1.00 5.78  ? 7  G   A C2    1 
ATOM   146 N N2    . G   A 1 7  ? 2.488   8.865   4.517   1.00 9.21  ? 7  G   A N2    1 
ATOM   147 N N3    . G   A 1 7  ? 0.540   9.129   3.354   1.00 17.43 ? 7  G   A N3    1 
ATOM   148 C C4    . G   A 1 7  ? -0.376  8.450   2.650   1.00 5.32  ? 7  G   A C4    1 
ATOM   149 P P     . C   A 1 8  ? -1.401  12.014  -2.214  1.00 8.83  ? 8  C   A P     1 
ATOM   150 O OP1   . C   A 1 8  ? -1.540  13.259  -3.011  1.00 6.91  ? 8  C   A OP1   1 
ATOM   151 O OP2   . C   A 1 8  ? -1.793  10.740  -2.816  1.00 10.41 ? 8  C   A OP2   1 
ATOM   152 O "O5'" . C   A 1 8  ? 0.065   11.868  -1.592  1.00 6.93  ? 8  C   A "O5'" 1 
ATOM   153 C "C5'" . C   A 1 8  ? 0.722   12.979  -0.944  1.00 7.95  ? 8  C   A "C5'" 1 
ATOM   154 C "C4'" . C   A 1 8  ? 2.126   12.607  -0.525  1.00 1.81  ? 8  C   A "C4'" 1 
ATOM   155 O "O4'" . C   A 1 8  ? 2.096   11.653  0.572   1.00 1.90  ? 8  C   A "O4'" 1 
ATOM   156 C "C3'" . C   A 1 8  ? 2.988   11.905  -1.561  1.00 1.89  ? 8  C   A "C3'" 1 
ATOM   157 O "O3'" . C   A 1 8  ? 3.478   12.793  -2.538  1.00 1.81  ? 8  C   A "O3'" 1 
ATOM   158 C "C2'" . C   A 1 8  ? 4.074   11.260  -0.684  1.00 1.81  ? 8  C   A "C2'" 1 
ATOM   159 O "O2'" . C   A 1 8  ? 5.002   12.209  -0.185  1.00 7.70  ? 8  C   A "O2'" 1 
ATOM   160 C "C1'" . C   A 1 8  ? 3.249   10.808  0.514   1.00 2.03  ? 8  C   A "C1'" 1 
ATOM   161 N N1    . C   A 1 8  ? 2.813   9.432   0.307   1.00 1.81  ? 8  C   A N1    1 
ATOM   162 C C2    . C   A 1 8  ? 3.579   8.394   0.825   1.00 3.66  ? 8  C   A C2    1 
ATOM   163 O O2    . C   A 1 8  ? 4.632   8.655   1.433   1.00 5.81  ? 8  C   A O2    1 
ATOM   164 N N3    . C   A 1 8  ? 3.185   7.129   0.628   1.00 4.24  ? 8  C   A N3    1 
ATOM   165 C C4    . C   A 1 8  ? 2.101   6.875   -0.097  1.00 11.31 ? 8  C   A C4    1 
ATOM   166 N N4    . C   A 1 8  ? 1.783   5.589   -0.306  1.00 1.81  ? 8  C   A N4    1 
ATOM   167 C C5    . C   A 1 8  ? 1.301   7.920   -0.651  1.00 1.81  ? 8  C   A C5    1 
ATOM   168 C C6    . C   A 1 8  ? 1.686   9.169   -0.414  1.00 1.81  ? 8  C   A C6    1 
ATOM   169 P P     . G   A 1 9  ? 4.324   12.229  -3.776  1.00 8.14  ? 9  G   A P     1 
ATOM   170 O OP1   . G   A 1 9  ? 5.070   13.350  -4.404  1.00 11.94 ? 9  G   A OP1   1 
ATOM   171 O OP2   . G   A 1 9  ? 3.443   11.429  -4.597  1.00 6.85  ? 9  G   A OP2   1 
ATOM   172 O "O5'" . G   A 1 9  ? 5.373   11.241  -3.095  1.00 5.47  ? 9  G   A "O5'" 1 
ATOM   173 C "C5'" . G   A 1 9  ? 6.118   10.286  -3.873  1.00 4.60  ? 9  G   A "C5'" 1 
ATOM   174 C "C4'" . G   A 1 9  ? 7.047   9.498   -2.978  1.00 2.24  ? 9  G   A "C4'" 1 
ATOM   175 O "O4'" . G   A 1 9  ? 6.301   8.903   -1.887  1.00 1.81  ? 9  G   A "O4'" 1 
ATOM   176 C "C3'" . G   A 1 9  ? 7.752   8.305   -3.589  1.00 1.81  ? 9  G   A "C3'" 1 
ATOM   177 O "O3'" . G   A 1 9  ? 8.838   8.684   -4.384  1.00 2.23  ? 9  G   A "O3'" 1 
ATOM   178 C "C2'" . G   A 1 9  ? 8.157   7.543   -2.343  1.00 1.96  ? 9  G   A "C2'" 1 
ATOM   179 O "O2'" . G   A 1 9  ? 9.212   8.203   -1.671  1.00 10.71 ? 9  G   A "O2'" 1 
ATOM   180 C "C1'" . G   A 1 9  ? 6.913   7.701   -1.489  1.00 1.81  ? 9  G   A "C1'" 1 
ATOM   181 N N9    . G   A 1 9  ? 5.996   6.611   -1.768  1.00 3.40  ? 9  G   A N9    1 
ATOM   182 C C8    . G   A 1 9  ? 4.774   6.712   -2.370  1.00 1.81  ? 9  G   A C8    1 
ATOM   183 N N7    . G   A 1 9  ? 4.213   5.555   -2.588  1.00 5.16  ? 9  G   A N7    1 
ATOM   184 C C5    . G   A 1 9  ? 5.113   4.631   -2.072  1.00 10.63 ? 9  G   A C5    1 
ATOM   185 C C6    . G   A 1 9  ? 5.063   3.208   -2.047  1.00 13.06 ? 9  G   A C6    1 
ATOM   186 O O6    . G   A 1 9  ? 4.171   2.464   -2.470  1.00 19.08 ? 9  G   A O6    1 
ATOM   187 N N1    . G   A 1 9  ? 6.201   2.662   -1.451  1.00 15.79 ? 9  G   A N1    1 
ATOM   188 C C2    . G   A 1 9  ? 7.235   3.394   -0.929  1.00 9.33  ? 9  G   A C2    1 
ATOM   189 N N2    . G   A 1 9  ? 8.231   2.696   -0.377  1.00 7.24  ? 9  G   A N2    1 
ATOM   190 N N3    . G   A 1 9  ? 7.287   4.717   -0.940  1.00 4.65  ? 9  G   A N3    1 
ATOM   191 C C4    . G   A 1 9  ? 6.205   5.265   -1.535  1.00 7.48  ? 9  G   A C4    1 
ATOM   192 P P     . G   A 1 10 ? 9.267   7.778   -5.621  1.00 8.40  ? 10 G   A P     1 
ATOM   193 O OP1   . G   A 1 10 ? 10.397  8.491   -6.242  1.00 15.97 ? 10 G   A OP1   1 
ATOM   194 O OP2   . G   A 1 10 ? 8.119   7.364   -6.481  1.00 4.27  ? 10 G   A OP2   1 
ATOM   195 O "O5'" . G   A 1 10 ? 9.793   6.457   -4.907  1.00 2.97  ? 10 G   A "O5'" 1 
ATOM   196 C "C5'" . G   A 1 10 ? 10.850  6.523   -3.921  1.00 1.81  ? 10 G   A "C5'" 1 
ATOM   197 C "C4'" . G   A 1 10 ? 11.363  5.138   -3.596  1.00 5.79  ? 10 G   A "C4'" 1 
ATOM   198 O "O4'" . G   A 1 10 ? 10.390  4.429   -2.799  1.00 1.81  ? 10 G   A "O4'" 1 
ATOM   199 C "C3'" . G   A 1 10 ? 11.652  4.180   -4.742  1.00 1.81  ? 10 G   A "C3'" 1 
ATOM   200 O "O3'" . G   A 1 10 ? 12.880  4.425   -5.401  1.00 1.81  ? 10 G   A "O3'" 1 
ATOM   201 C "C2'" . G   A 1 10 ? 11.641  2.849   -4.030  1.00 10.30 ? 10 G   A "C2'" 1 
ATOM   202 O "O2'" . G   A 1 10 ? 12.830  2.752   -3.276  1.00 8.16  ? 10 G   A "O2'" 1 
ATOM   203 C "C1'" . G   A 1 10 ? 10.485  3.050   -3.053  1.00 3.67  ? 10 G   A "C1'" 1 
ATOM   204 N N9    . G   A 1 10 ? 9.226   2.620   -3.629  1.00 2.91  ? 10 G   A N9    1 
ATOM   205 C C8    . G   A 1 10 ? 8.241   3.451   -4.078  1.00 1.81  ? 10 G   A C8    1 
ATOM   206 N N7    . G   A 1 10 ? 7.213   2.813   -4.550  1.00 1.81  ? 10 G   A N7    1 
ATOM   207 C C5    . G   A 1 10 ? 7.542   1.470   -4.400  1.00 5.32  ? 10 G   A C5    1 
ATOM   208 C C6    . G   A 1 10 ? 6.815   0.309   -4.747  1.00 1.81  ? 10 G   A C6    1 
ATOM   209 O O6    . G   A 1 10 ? 5.713   0.227   -5.272  1.00 4.88  ? 10 G   A O6    1 
ATOM   210 N N1    . G   A 1 10 ? 7.503   -0.843  -4.435  1.00 1.81  ? 10 G   A N1    1 
ATOM   211 C C2    . G   A 1 10 ? 8.725   -0.878  -3.854  1.00 8.11  ? 10 G   A C2    1 
ATOM   212 N N2    . G   A 1 10 ? 9.185   -2.110  -3.586  1.00 3.01  ? 10 G   A N2    1 
ATOM   213 N N3    . G   A 1 10 ? 9.436   0.202   -3.542  1.00 6.79  ? 10 G   A N3    1 
ATOM   214 C C4    . G   A 1 10 ? 8.780   1.333   -3.839  1.00 10.45 ? 10 G   A C4    1 
ATOM   215 P P     . U   A 1 11 ? 13.084  3.885   -6.915  1.00 11.56 ? 11 U   A P     1 
ATOM   216 O OP1   . U   A 1 11 ? 14.488  4.129   -7.286  1.00 14.16 ? 11 U   A OP1   1 
ATOM   217 O OP2   . U   A 1 11 ? 11.999  4.451   -7.752  1.00 8.34  ? 11 U   A OP2   1 
ATOM   218 O "O5'" . U   A 1 11 ? 12.850  2.309   -6.794  1.00 6.08  ? 11 U   A "O5'" 1 
ATOM   219 C "C5'" . U   A 1 11 ? 13.870  1.467   -6.255  1.00 6.75  ? 11 U   A "C5'" 1 
ATOM   220 C "C4'" . U   A 1 11 ? 13.469  0.010   -6.316  1.00 5.05  ? 11 U   A "C4'" 1 
ATOM   221 O "O4'" . U   A 1 11 ? 12.193  -0.172  -5.665  1.00 7.17  ? 11 U   A "O4'" 1 
ATOM   222 C "C3'" . U   A 1 11 ? 13.265  -0.615  -7.686  1.00 1.86  ? 11 U   A "C3'" 1 
ATOM   223 O "O3'" . U   A 1 11 ? 14.476  -0.951  -8.307  1.00 8.56  ? 11 U   A "O3'" 1 
ATOM   224 C "C2'" . U   A 1 11 ? 12.408  -1.823  -7.360  1.00 10.98 ? 11 U   A "C2'" 1 
ATOM   225 O "O2'" . U   A 1 11 ? 13.188  -2.848  -6.750  1.00 5.93  ? 11 U   A "O2'" 1 
ATOM   226 C "C1'" . U   A 1 11 ? 11.493  -1.239  -6.284  1.00 12.00 ? 11 U   A "C1'" 1 
ATOM   227 N N1    . U   A 1 11 ? 10.255  -0.711  -6.865  1.00 5.57  ? 11 U   A N1    1 
ATOM   228 C C2    . U   A 1 11 ? 9.330   -1.621  -7.315  1.00 1.81  ? 11 U   A C2    1 
ATOM   229 O O2    . U   A 1 11 ? 9.513   -2.808  -7.282  1.00 10.21 ? 11 U   A O2    1 
ATOM   230 N N3    . U   A 1 11 ? 8.181   -1.089  -7.810  1.00 1.81  ? 11 U   A N3    1 
ATOM   231 C C4    . U   A 1 11 ? 7.872   0.239   -7.918  1.00 12.85 ? 11 U   A C4    1 
ATOM   232 O O4    . U   A 1 11 ? 6.811   0.562   -8.442  1.00 3.49  ? 11 U   A O4    1 
ATOM   233 C C5    . U   A 1 11 ? 8.888   1.135   -7.444  1.00 14.90 ? 11 U   A C5    1 
ATOM   234 C C6    . U   A 1 11 ? 10.020  0.638   -6.947  1.00 15.18 ? 11 U   A C6    1 
ATOM   235 P P     . A   A 1 12 ? 14.579  -0.914  -9.915  1.00 11.31 ? 12 A   A P     1 
ATOM   236 O OP1   . A   A 1 12 ? 16.017  -1.124  -10.252 1.00 23.30 ? 12 A   A OP1   1 
ATOM   237 O OP2   . A   A 1 12 ? 13.888  0.256   -10.444 1.00 5.97  ? 12 A   A OP2   1 
ATOM   238 O "O5'" . A   A 1 12 ? 13.717  -2.169  -10.405 1.00 2.43  ? 12 A   A "O5'" 1 
ATOM   239 C "C5'" . A   A 1 12 ? 14.114  -3.514  -10.052 1.00 6.11  ? 12 A   A "C5'" 1 
ATOM   240 C "C4'" . A   A 1 12 ? 13.124  -4.524  -10.579 1.00 4.45  ? 12 A   A "C4'" 1 
ATOM   241 O "O4'" . A   A 1 12 ? 11.866  -4.380  -9.890  1.00 1.81  ? 12 A   A "O4'" 1 
ATOM   242 C "C3'" . A   A 1 12 ? 12.716  -4.358  -12.032 1.00 4.79  ? 12 A   A "C3'" 1 
ATOM   243 O "O3'" . A   A 1 12 ? 13.683  -4.789  -12.928 1.00 10.27 ? 12 A   A "O3'" 1 
ATOM   244 C "C2'" . A   A 1 12 ? 11.442  -5.169  -12.082 1.00 6.33  ? 12 A   A "C2'" 1 
ATOM   245 O "O2'" . A   A 1 12 ? 11.754  -6.551  -12.017 1.00 6.43  ? 12 A   A "O2'" 1 
ATOM   246 C "C1'" . A   A 1 12 ? 10.817  -4.795  -10.740 1.00 3.00  ? 12 A   A "C1'" 1 
ATOM   247 N N9    . A   A 1 12 ? 9.891   -3.686  -10.877 1.00 5.26  ? 12 A   A N9    1 
ATOM   248 C C8    . A   A 1 12 ? 10.222  -2.368  -10.765 1.00 6.98  ? 12 A   A C8    1 
ATOM   249 N N7    . A   A 1 12 ? 9.210   -1.558  -10.904 1.00 13.38 ? 12 A   A N7    1 
ATOM   250 C C5    . A   A 1 12 ? 8.138   -2.400  -11.134 1.00 10.24 ? 12 A   A C5    1 
ATOM   251 C C6    . A   A 1 12 ? 6.796   -2.144  -11.358 1.00 8.98  ? 12 A   A C6    1 
ATOM   252 N N6    . A   A 1 12 ? 6.294   -0.919  -11.386 1.00 8.19  ? 12 A   A N6    1 
ATOM   253 N N1    . A   A 1 12 ? 5.975   -3.198  -11.551 1.00 8.86  ? 12 A   A N1    1 
ATOM   254 C C2    . A   A 1 12 ? 6.506   -4.423  -11.507 1.00 11.01 ? 12 A   A C2    1 
ATOM   255 N N3    . A   A 1 12 ? 7.768   -4.791  -11.300 1.00 8.53  ? 12 A   A N3    1 
ATOM   256 C C4    . A   A 1 12 ? 8.542   -3.716  -11.122 1.00 1.81  ? 12 A   A C4    1 
ATOM   257 P P     . C   A 1 13 ? 13.836  -4.020  -14.315 1.00 11.44 ? 13 C   A P     1 
ATOM   258 O OP1   . C   A 1 13 ? 14.995  -4.606  -15.009 1.00 28.87 ? 13 C   A OP1   1 
ATOM   259 O OP2   . C   A 1 13 ? 13.798  -2.576  -14.067 1.00 4.64  ? 13 C   A OP2   1 
ATOM   260 O "O5'" . C   A 1 13 ? 12.484  -4.377  -15.060 1.00 14.27 ? 13 C   A "O5'" 1 
ATOM   261 C "C5'" . C   A 1 13 ? 12.135  -5.740  -15.326 1.00 21.06 ? 13 C   A "C5'" 1 
ATOM   262 C "C4'" . C   A 1 13 ? 10.692  -5.831  -15.764 1.00 22.52 ? 13 C   A "C4'" 1 
ATOM   263 O "O4'" . C   A 1 13 ? 9.853   -5.268  -14.741 1.00 13.03 ? 13 C   A "O4'" 1 
ATOM   264 C "C3'" . C   A 1 13 ? 10.209  -5.082  -17.002 1.00 23.25 ? 13 C   A "C3'" 1 
ATOM   265 O "O3'" . C   A 1 13 ? 10.633  -5.675  -18.221 1.00 36.87 ? 13 C   A "O3'" 1 
ATOM   266 C "C2'" . C   A 1 13 ? 8.691   -5.128  -16.806 1.00 14.75 ? 13 C   A "C2'" 1 
ATOM   267 O "O2'" . C   A 1 13 ? 8.162   -6.399  -17.159 1.00 29.57 ? 13 C   A "O2'" 1 
ATOM   268 C "C1'" . C   A 1 13 ? 8.582   -5.004  -15.289 1.00 14.87 ? 13 C   A "C1'" 1 
ATOM   269 N N1    . C   A 1 13 ? 8.184   -3.661  -14.924 1.00 15.95 ? 13 C   A N1    1 
ATOM   270 C C2    . C   A 1 13 ? 6.868   -3.294  -15.132 1.00 18.39 ? 13 C   A C2    1 
ATOM   271 O O2    . C   A 1 13 ? 6.078   -4.137  -15.573 1.00 32.90 ? 13 C   A O2    1 
ATOM   272 N N3    . C   A 1 13 ? 6.477   -2.037  -14.850 1.00 18.57 ? 13 C   A N3    1 
ATOM   273 C C4    . C   A 1 13 ? 7.356   -1.169  -14.365 1.00 17.63 ? 13 C   A C4    1 
ATOM   274 N N4    . C   A 1 13 ? 6.928   0.076   -14.112 1.00 18.20 ? 13 C   A N4    1 
ATOM   275 C C5    . C   A 1 13 ? 8.706   -1.530  -14.118 1.00 8.97  ? 13 C   A C5    1 
ATOM   276 C C6    . C   A 1 13 ? 9.077   -2.778  -14.408 1.00 5.18  ? 13 C   A C6    1 
ATOM   277 P P     . C   A 1 14 ? 10.514  -4.862  -19.617 1.00 36.37 ? 14 C   A P     1 
ATOM   278 O OP1   . C   A 1 14 ? 10.941  -5.868  -20.623 1.00 25.08 ? 14 C   A OP1   1 
ATOM   279 O OP2   . C   A 1 14 ? 11.225  -3.546  -19.518 1.00 29.13 ? 14 C   A OP2   1 
ATOM   280 O "O5'" . C   A 1 14 ? 8.965   -4.537  -19.817 1.00 19.21 ? 14 C   A "O5'" 1 
ATOM   281 C "C5'" . C   A 1 14 ? 8.019   -5.597  -20.034 1.00 9.29  ? 14 C   A "C5'" 1 
ATOM   282 C "C4'" . C   A 1 14 ? 6.640   -5.042  -20.292 1.00 21.04 ? 14 C   A "C4'" 1 
ATOM   283 O "O4'" . C   A 1 14 ? 6.063   -4.505  -19.075 1.00 22.37 ? 14 C   A "O4'" 1 
ATOM   284 C "C3'" . C   A 1 14 ? 6.512   -3.895  -21.272 1.00 21.35 ? 14 C   A "C3'" 1 
ATOM   285 O "O3'" . C   A 1 14 ? 6.603   -4.408  -22.594 1.00 30.02 ? 14 C   A "O3'" 1 
ATOM   286 C "C2'" . C   A 1 14 ? 5.130   -3.363  -20.931 1.00 15.51 ? 14 C   A "C2'" 1 
ATOM   287 O "O2'" . C   A 1 14 ? 4.172   -4.287  -21.407 1.00 18.16 ? 14 C   A "O2'" 1 
ATOM   288 C "C1'" . C   A 1 14 ? 5.142   -3.480  -19.404 1.00 18.52 ? 14 C   A "C1'" 1 
ATOM   289 N N1    . C   A 1 14 ? 5.585   -2.226  -18.761 1.00 19.32 ? 14 C   A N1    1 
ATOM   290 C C2    . C   A 1 14 ? 4.646   -1.251  -18.500 1.00 10.88 ? 14 C   A C2    1 
ATOM   291 O O2    . C   A 1 14 ? 3.463   -1.467  -18.809 1.00 19.89 ? 14 C   A O2    1 
ATOM   292 N N3    . C   A 1 14 ? 5.023   -0.096  -17.921 1.00 16.08 ? 14 C   A N3    1 
ATOM   293 C C4    . C   A 1 14 ? 6.293   0.094   -17.590 1.00 20.57 ? 14 C   A C4    1 
ATOM   294 N N4    . C   A 1 14 ? 6.613   1.244   -16.984 1.00 38.49 ? 14 C   A N4    1 
ATOM   295 C C5    . C   A 1 14 ? 7.292   -0.886  -17.854 1.00 20.43 ? 14 C   A C5    1 
ATOM   296 C C6    . C   A 1 14 ? 6.896   -2.026  -18.435 1.00 13.95 ? 14 C   A C6    1 
ATOM   297 O "O5'" . G   B 1 1  ? -0.450  7.200   -15.347 1.00 28.18 ? 15 G   B "O5'" 1 
ATOM   298 C "C5'" . G   B 1 1  ? -1.770  7.387   -15.902 1.00 25.58 ? 15 G   B "C5'" 1 
ATOM   299 C "C4'" . G   B 1 1  ? -2.195  6.201   -16.731 1.00 33.04 ? 15 G   B "C4'" 1 
ATOM   300 O "O4'" . G   B 1 1  ? -1.378  6.099   -17.928 1.00 27.16 ? 15 G   B "O4'" 1 
ATOM   301 C "C3'" . G   B 1 1  ? -2.068  4.854   -16.036 1.00 17.29 ? 15 G   B "C3'" 1 
ATOM   302 O "O3'" . G   B 1 1  ? -3.265  4.600   -15.314 1.00 28.31 ? 15 G   B "O3'" 1 
ATOM   303 C "C2'" . G   B 1 1  ? -1.870  3.914   -17.217 1.00 25.56 ? 15 G   B "C2'" 1 
ATOM   304 O "O2'" . G   B 1 1  ? -3.120  3.726   -17.868 1.00 35.54 ? 15 G   B "O2'" 1 
ATOM   305 C "C1'" . G   B 1 1  ? -1.003  4.772   -18.135 1.00 12.67 ? 15 G   B "C1'" 1 
ATOM   306 N N9    . G   B 1 1  ? 0.397   4.667   -17.794 1.00 17.54 ? 15 G   B N9    1 
ATOM   307 C C8    . G   B 1 1  ? 1.198   5.680   -17.344 1.00 3.91  ? 15 G   B C8    1 
ATOM   308 N N7    . G   B 1 1  ? 2.416   5.288   -17.070 1.00 24.65 ? 15 G   B N7    1 
ATOM   309 C C5    . G   B 1 1  ? 2.410   3.936   -17.381 1.00 10.70 ? 15 G   B C5    1 
ATOM   310 C C6    . G   B 1 1  ? 3.436   2.986   -17.298 1.00 32.06 ? 15 G   B C6    1 
ATOM   311 O O6    . G   B 1 1  ? 4.596   3.141   -16.901 1.00 31.66 ? 15 G   B O6    1 
ATOM   312 N N1    . G   B 1 1  ? 3.004   1.740   -17.732 1.00 33.24 ? 15 G   B N1    1 
ATOM   313 C C2    . G   B 1 1  ? 1.734   1.459   -18.170 1.00 28.63 ? 15 G   B C2    1 
ATOM   314 N N2    . G   B 1 1  ? 1.498   0.208   -18.543 1.00 59.59 ? 15 G   B N2    1 
ATOM   315 N N3    . G   B 1 1  ? 0.766   2.337   -18.238 1.00 19.15 ? 15 G   B N3    1 
ATOM   316 C C4    . G   B 1 1  ? 1.172   3.546   -17.838 1.00 21.27 ? 15 G   B C4    1 
ATOM   317 P P     . G   B 1 2  ? -3.253  3.726   -13.956 1.00 21.43 ? 16 G   B P     1 
ATOM   318 O OP1   . G   B 1 2  ? -4.659  3.651   -13.589 1.00 11.98 ? 16 G   B OP1   1 
ATOM   319 O OP2   . G   B 1 2  ? -2.272  4.248   -12.999 1.00 19.00 ? 16 G   B OP2   1 
ATOM   320 O "O5'" . G   B 1 2  ? -2.864  2.270   -14.446 1.00 16.25 ? 16 G   B "O5'" 1 
ATOM   321 C "C5'" . G   B 1 2  ? -3.697  1.624   -15.427 1.00 8.28  ? 16 G   B "C5'" 1 
ATOM   322 C "C4'" . G   B 1 2  ? -3.035  0.366   -15.923 1.00 16.99 ? 16 G   B "C4'" 1 
ATOM   323 O "O4'" . G   B 1 2  ? -1.791  0.691   -16.607 1.00 16.05 ? 16 G   B "O4'" 1 
ATOM   324 C "C3'" . G   B 1 2  ? -2.619  -0.565  -14.797 1.00 9.11  ? 16 G   B "C3'" 1 
ATOM   325 O "O3'" . G   B 1 2  ? -3.714  -1.346  -14.329 1.00 11.46 ? 16 G   B "O3'" 1 
ATOM   326 C "C2'" . G   B 1 2  ? -1.499  -1.369  -15.429 1.00 12.26 ? 16 G   B "C2'" 1 
ATOM   327 O "O2'" . G   B 1 2  ? -2.056  -2.397  -16.234 1.00 27.64 ? 16 G   B "O2'" 1 
ATOM   328 C "C1'" . G   B 1 2  ? -0.837  -0.322  -16.350 1.00 8.53  ? 16 G   B "C1'" 1 
ATOM   329 N N9    . G   B 1 2  ? 0.326   0.296   -15.734 1.00 6.80  ? 16 G   B N9    1 
ATOM   330 C C8    . G   B 1 2  ? 0.410   1.576   -15.220 1.00 1.81  ? 16 G   B C8    1 
ATOM   331 N N7    . G   B 1 2  ? 1.600   1.854   -14.744 1.00 21.53 ? 16 G   B N7    1 
ATOM   332 C C5    . G   B 1 2  ? 2.340   0.694   -14.958 1.00 3.70  ? 16 G   B C5    1 
ATOM   333 C C6    . G   B 1 2  ? 3.682   0.393   -14.655 1.00 9.95  ? 16 G   B C6    1 
ATOM   334 O O6    . G   B 1 2  ? 4.529   1.097   -14.119 1.00 26.88 ? 16 G   B O6    1 
ATOM   335 N N1    . G   B 1 2  ? 4.015   -0.889  -15.033 1.00 15.66 ? 16 G   B N1    1 
ATOM   336 C C2    . G   B 1 2  ? 3.167   -1.778  -15.617 1.00 18.00 ? 16 G   B C2    1 
ATOM   337 N N2    . G   B 1 2  ? 3.697   -2.984  -15.897 1.00 24.50 ? 16 G   B N2    1 
ATOM   338 N N3    . G   B 1 2  ? 1.905   -1.520  -15.906 1.00 8.04  ? 16 G   B N3    1 
ATOM   339 C C4    . G   B 1 2  ? 1.562   -0.278  -15.556 1.00 7.73  ? 16 G   B C4    1 
ATOM   340 P P     . U   B 1 3  ? -3.763  -1.839  -12.789 1.00 7.74  ? 17 U   B P     1 
ATOM   341 O OP1   . U   B 1 3  ? -5.082  -2.451  -12.557 1.00 17.46 ? 17 U   B OP1   1 
ATOM   342 O OP2   . U   B 1 3  ? -3.267  -0.776  -11.836 1.00 11.19 ? 17 U   B OP2   1 
ATOM   343 O "O5'" . U   B 1 3  ? -2.727  -3.042  -12.793 1.00 14.59 ? 17 U   B "O5'" 1 
ATOM   344 C "C5'" . U   B 1 3  ? -3.033  -4.265  -13.458 1.00 1.81  ? 17 U   B "C5'" 1 
ATOM   345 C "C4'" . U   B 1 3  ? -1.893  -5.231  -13.281 1.00 2.54  ? 17 U   B "C4'" 1 
ATOM   346 O "O4'" . U   B 1 3  ? -0.723  -4.726  -13.961 1.00 1.81  ? 17 U   B "O4'" 1 
ATOM   347 C "C3'" . U   B 1 3  ? -1.405  -5.412  -11.858 1.00 1.81  ? 17 U   B "C3'" 1 
ATOM   348 O "O3'" . U   B 1 3  ? -2.207  -6.256  -11.128 1.00 1.81  ? 17 U   B "O3'" 1 
ATOM   349 C "C2'" . U   B 1 3  ? -0.019  -5.970  -12.084 1.00 1.81  ? 17 U   B "C2'" 1 
ATOM   350 O "O2'" . U   B 1 3  ? -0.118  -7.308  -12.539 1.00 2.65  ? 17 U   B "O2'" 1 
ATOM   351 C "C1'" . U   B 1 3  ? 0.436   -5.129  -13.273 1.00 6.44  ? 17 U   B "C1'" 1 
ATOM   352 N N1    . U   B 1 3  ? 1.161   -3.930  -12.845 1.00 4.44  ? 17 U   B N1    1 
ATOM   353 C C2    . U   B 1 3  ? 2.526   -4.037  -12.616 1.00 11.66 ? 17 U   B C2    1 
ATOM   354 O O2    . U   B 1 3  ? 3.136   -5.103  -12.706 1.00 1.81  ? 17 U   B O2    1 
ATOM   355 N N3    . U   B 1 3  ? 3.152   -2.857  -12.254 1.00 1.81  ? 17 U   B N3    1 
ATOM   356 C C4    . U   B 1 3  ? 2.555   -1.625  -12.070 1.00 8.10  ? 17 U   B C4    1 
ATOM   357 O O4    . U   B 1 3  ? 3.239   -0.660  -11.705 1.00 15.33 ? 17 U   B O4    1 
ATOM   358 C C5    . U   B 1 3  ? 1.141   -1.608  -12.312 1.00 12.35 ? 17 U   B C5    1 
ATOM   359 C C6    . U   B 1 3  ? 0.507   -2.736  -12.684 1.00 4.08  ? 17 U   B C6    1 
ATOM   360 P P     . A   B 1 4  ? -2.252  -6.115  -9.557  1.00 1.81  ? 18 A   B P     1 
ATOM   361 O OP1   . A   B 1 4  ? -3.313  -7.021  -9.043  1.00 12.66 ? 18 A   B OP1   1 
ATOM   362 O OP2   . A   B 1 4  ? -2.319  -4.705  -9.223  1.00 7.08  ? 18 A   B OP2   1 
ATOM   363 O "O5'" . A   B 1 4  ? -0.813  -6.658  -9.125  1.00 2.91  ? 18 A   B "O5'" 1 
ATOM   364 C "C5'" . A   B 1 4  ? -0.429  -8.041  -9.325  1.00 1.81  ? 18 A   B "C5'" 1 
ATOM   365 C "C4'" . A   B 1 4  ? 1.023   -8.250  -8.968  1.00 1.81  ? 18 A   B "C4'" 1 
ATOM   366 O "O4'" . A   B 1 4  ? 1.839   -7.430  -9.825  1.00 1.81  ? 18 A   B "O4'" 1 
ATOM   367 C "C3'" . A   B 1 4  ? 1.492   -7.884  -7.560  1.00 1.81  ? 18 A   B "C3'" 1 
ATOM   368 O "O3'" . A   B 1 4  ? 1.232   -8.931  -6.643  1.00 3.65  ? 18 A   B "O3'" 1 
ATOM   369 C "C2'" . A   B 1 4  ? 2.979   -7.674  -7.759  1.00 1.81  ? 18 A   B "C2'" 1 
ATOM   370 O "O2'" . A   B 1 4  ? 3.593   -8.932  -7.923  1.00 3.31  ? 18 A   B "O2'" 1 
ATOM   371 C "C1'" . A   B 1 4  ? 3.013   -7.027  -9.137  1.00 1.81  ? 18 A   B "C1'" 1 
ATOM   372 N N9    . A   B 1 4  ? 3.024   -5.571  -9.039  1.00 3.89  ? 18 A   B N9    1 
ATOM   373 C C8    . A   B 1 4  ? 1.971   -4.701  -9.190  1.00 1.81  ? 18 A   B C8    1 
ATOM   374 N N7    . A   B 1 4  ? 2.302   -3.444  -9.038  1.00 2.44  ? 18 A   B N7    1 
ATOM   375 C C5    . A   B 1 4  ? 3.659   -3.488  -8.767  1.00 5.20  ? 18 A   B C5    1 
ATOM   376 C C6    . A   B 1 4  ? 4.605   -2.486  -8.522  1.00 7.51  ? 18 A   B C6    1 
ATOM   377 N N6    . A   B 1 4  ? 4.325   -1.173  -8.487  1.00 1.81  ? 18 A   B N6    1 
ATOM   378 N N1    . A   B 1 4  ? 5.875   -2.876  -8.302  1.00 1.81  ? 18 A   B N1    1 
ATOM   379 C C2    . A   B 1 4  ? 6.158   -4.181  -8.318  1.00 1.81  ? 18 A   B C2    1 
ATOM   380 N N3    . A   B 1 4  ? 5.358   -5.213  -8.528  1.00 1.81  ? 18 A   B N3    1 
ATOM   381 C C4    . A   B 1 4  ? 4.111   -4.792  -8.757  1.00 5.12  ? 18 A   B C4    1 
ATOM   382 P P     . U   B 1 5  ? 1.063   -8.629  -5.058  1.00 6.35  ? 19 U   B P     1 
ATOM   383 O OP1   . U   B 1 5  ? 0.892   -9.943  -4.416  1.00 8.81  ? 19 U   B OP1   1 
ATOM   384 O OP2   . U   B 1 5  ? 0.083   -7.601  -4.858  1.00 4.60  ? 19 U   B OP2   1 
ATOM   385 O "O5'" . U   B 1 5  ? 2.429   -8.011  -4.566  1.00 3.99  ? 19 U   B "O5'" 1 
ATOM   386 C "C5'" . U   B 1 5  ? 3.564   -8.858  -4.302  1.00 1.81  ? 19 U   B "C5'" 1 
ATOM   387 C "C4'" . U   B 1 5  ? 4.791   -8.016  -4.069  1.00 1.81  ? 19 U   B "C4'" 1 
ATOM   388 O "O4'" . U   B 1 5  ? 4.993   -7.123  -5.206  1.00 1.81  ? 19 U   B "O4'" 1 
ATOM   389 C "C3'" . U   B 1 5  ? 4.765   -7.067  -2.880  1.00 1.81  ? 19 U   B "C3'" 1 
ATOM   390 O "O3'" . U   B 1 5  ? 5.072   -7.743  -1.697  1.00 1.81  ? 19 U   B "O3'" 1 
ATOM   391 C "C2'" . U   B 1 5  ? 5.853   -6.065  -3.273  1.00 1.81  ? 19 U   B "C2'" 1 
ATOM   392 O "O2'" . U   B 1 5  ? 7.141   -6.642  -3.108  1.00 4.38  ? 19 U   B "O2'" 1 
ATOM   393 C "C1'" . U   B 1 5  ? 5.619   -5.938  -4.773  1.00 2.71  ? 19 U   B "C1'" 1 
ATOM   394 N N1    . U   B 1 5  ? 4.734   -4.810  -5.059  1.00 1.81  ? 19 U   B N1    1 
ATOM   395 C C2    . U   B 1 5  ? 5.315   -3.571  -5.200  1.00 1.81  ? 19 U   B C2    1 
ATOM   396 O O2    . U   B 1 5  ? 6.511   -3.386  -5.070  1.00 1.81  ? 19 U   B O2    1 
ATOM   397 N N3    . U   B 1 5  ? 4.448   -2.551  -5.482  1.00 1.90  ? 19 U   B N3    1 
ATOM   398 C C4    . U   B 1 5  ? 3.085   -2.644  -5.616  1.00 9.57  ? 19 U   B C4    1 
ATOM   399 O O4    . U   B 1 5  ? 2.433   -1.636  -5.902  1.00 10.47 ? 19 U   B O4    1 
ATOM   400 C C5    . U   B 1 5  ? 2.560   -3.961  -5.441  1.00 1.81  ? 19 U   B C5    1 
ATOM   401 C C6    . U   B 1 5  ? 3.388   -4.979  -5.176  1.00 4.04  ? 19 U   B C6    1 
ATOM   402 P P     . U   B 1 6  ? 4.548   -7.195  -0.276  1.00 5.60  ? 20 U   B P     1 
ATOM   403 O OP1   . U   B 1 6  ? 4.839   -8.319  0.660   1.00 2.03  ? 20 U   B OP1   1 
ATOM   404 O OP2   . U   B 1 6  ? 3.193   -6.682  -0.413  1.00 1.81  ? 20 U   B OP2   1 
ATOM   405 O "O5'" . U   B 1 6  ? 5.450   -5.955  0.113   1.00 1.81  ? 20 U   B "O5'" 1 
ATOM   406 C "C5'" . U   B 1 6  ? 6.885   -6.023  0.031   1.00 3.12  ? 20 U   B "C5'" 1 
ATOM   407 C "C4'" . U   B 1 6  ? 7.495   -4.638  0.105   1.00 9.54  ? 20 U   B "C4'" 1 
ATOM   408 O "O4'" . U   B 1 6  ? 7.252   -3.941  -1.138  1.00 2.42  ? 20 U   B "O4'" 1 
ATOM   409 C "C3'" . U   B 1 6  ? 7.060   -3.645  1.198   1.00 1.81  ? 20 U   B "C3'" 1 
ATOM   410 O "O3'" . U   B 1 6  ? 7.714   -3.883  2.454   1.00 3.07  ? 20 U   B "O3'" 1 
ATOM   411 C "C2'" . U   B 1 6  ? 7.445   -2.302  0.586   1.00 1.81  ? 20 U   B "C2'" 1 
ATOM   412 O "O2'" . U   B 1 6  ? 8.834   -2.081  0.751   1.00 1.81  ? 20 U   B "O2'" 1 
ATOM   413 C "C1'" . U   B 1 6  ? 7.200   -2.550  -0.908  1.00 7.19  ? 20 U   B "C1'" 1 
ATOM   414 N N1    . U   B 1 6  ? 5.888   -2.063  -1.344  1.00 1.81  ? 20 U   B N1    1 
ATOM   415 C C2    . U   B 1 6  ? 5.731   -0.721  -1.711  1.00 2.32  ? 20 U   B C2    1 
ATOM   416 O O2    . U   B 1 6  ? 6.600   0.123   -1.642  1.00 1.81  ? 20 U   B O2    1 
ATOM   417 N N3    . U   B 1 6  ? 4.482   -0.404  -2.155  1.00 10.46 ? 20 U   B N3    1 
ATOM   418 C C4    . U   B 1 6  ? 3.389   -1.237  -2.231  1.00 15.79 ? 20 U   B C4    1 
ATOM   419 O O4    . U   B 1 6  ? 2.341   -0.802  -2.705  1.00 21.02 ? 20 U   B O4    1 
ATOM   420 C C5    . U   B 1 6  ? 3.615   -2.576  -1.791  1.00 1.81  ? 20 U   B C5    1 
ATOM   421 C C6    . U   B 1 6  ? 4.835   -2.930  -1.387  1.00 1.81  ? 20 U   B C6    1 
ATOM   422 P P     . G   B 1 7  ? 7.224   -3.130  3.809   1.00 1.81  ? 21 G   B P     1 
ATOM   423 O OP1   . G   B 1 7  ? 7.757   -3.889  4.943   1.00 10.81 ? 21 G   B OP1   1 
ATOM   424 O OP2   . G   B 1 7  ? 5.796   -2.919  3.728   1.00 1.81  ? 21 G   B OP2   1 
ATOM   425 O "O5'" . G   B 1 7  ? 7.904   -1.704  3.745   1.00 1.81  ? 21 G   B "O5'" 1 
ATOM   426 C "C5'" . G   B 1 7  ? 9.296   -1.546  3.944   1.00 1.81  ? 21 G   B "C5'" 1 
ATOM   427 C "C4'" . G   B 1 7  ? 9.643   -0.083  4.094   1.00 6.64  ? 21 G   B "C4'" 1 
ATOM   428 O "O4'" . G   B 1 7  ? 9.391   0.616   2.868   1.00 1.81  ? 21 G   B "O4'" 1 
ATOM   429 C "C3'" . G   B 1 7  ? 8.848   0.697   5.122   1.00 1.81  ? 21 G   B "C3'" 1 
ATOM   430 O "O3'" . G   B 1 7  ? 9.364   0.499   6.381   1.00 5.98  ? 21 G   B "O3'" 1 
ATOM   431 C "C2'" . G   B 1 7  ? 8.980   2.136   4.641   1.00 7.50  ? 21 G   B "C2'" 1 
ATOM   432 O "O2'" . G   B 1 7  ? 10.274  2.667   4.899   1.00 2.04  ? 21 G   B "O2'" 1 
ATOM   433 C "C1'" . G   B 1 7  ? 8.925   1.932   3.143   1.00 5.33  ? 21 G   B "C1'" 1 
ATOM   434 N N9    . G   B 1 7  ? 7.571   2.042   2.642   1.00 1.81  ? 21 G   B N9    1 
ATOM   435 C C8    . G   B 1 7  ? 6.767   1.001   2.282   1.00 2.79  ? 21 G   B C8    1 
ATOM   436 N N7    . G   B 1 7  ? 5.620   1.388   1.792   1.00 4.90  ? 21 G   B N7    1 
ATOM   437 C C5    . G   B 1 7  ? 5.675   2.771   1.844   1.00 7.85  ? 21 G   B C5    1 
ATOM   438 C C6    . G   B 1 7  ? 4.742   3.718   1.438   1.00 10.25 ? 21 G   B C6    1 
ATOM   439 O O6    . G   B 1 7  ? 3.655   3.527   0.896   1.00 3.01  ? 21 G   B O6    1 
ATOM   440 N N1    . G   B 1 7  ? 5.172   5.009   1.699   1.00 8.35  ? 21 G   B N1    1 
ATOM   441 C C2    . G   B 1 7  ? 6.374   5.326   2.264   1.00 9.70  ? 21 G   B C2    1 
ATOM   442 N N2    . G   B 1 7  ? 6.629   6.624   2.430   1.00 3.68  ? 21 G   B N2    1 
ATOM   443 N N3    . G   B 1 7  ? 7.267   4.442   2.635   1.00 3.15  ? 21 G   B N3    1 
ATOM   444 C C4    . G   B 1 7  ? 6.858   3.190   2.396   1.00 8.50  ? 21 G   B C4    1 
ATOM   445 P P     . C   B 1 8  ? 8.421   0.654   7.631   1.00 12.80 ? 22 C   B P     1 
ATOM   446 O OP1   . C   B 1 8  ? 9.252   0.309   8.814   1.00 13.46 ? 22 C   B OP1   1 
ATOM   447 O OP2   . C   B 1 8  ? 7.200   -0.087  7.351   1.00 3.40  ? 22 C   B OP2   1 
ATOM   448 O "O5'" . C   B 1 8  ? 8.039   2.197   7.633   1.00 5.85  ? 22 C   B "O5'" 1 
ATOM   449 C "C5'" . C   B 1 8  ? 9.042   3.221   7.673   1.00 10.85 ? 22 C   B "C5'" 1 
ATOM   450 C "C4'" . C   B 1 8  ? 8.386   4.574   7.807   1.00 4.90  ? 22 C   B "C4'" 1 
ATOM   451 O "O4'" . C   B 1 8  ? 7.892   5.011   6.531   1.00 12.65 ? 22 C   B "O4'" 1 
ATOM   452 C "C3'" . C   B 1 8  ? 7.148   4.571   8.679   1.00 2.74  ? 22 C   B "C3'" 1 
ATOM   453 O "O3'" . C   B 1 8  ? 7.476   4.668   10.039  1.00 6.42  ? 22 C   B "O3'" 1 
ATOM   454 C "C2'" . C   B 1 8  ? 6.380   5.772   8.177   1.00 1.81  ? 22 C   B "C2'" 1 
ATOM   455 O "O2'" . C   B 1 8  ? 6.979   6.965   8.641   1.00 15.27 ? 22 C   B "O2'" 1 
ATOM   456 C "C1'" . C   B 1 8  ? 6.690   5.720   6.698   1.00 1.81  ? 22 C   B "C1'" 1 
ATOM   457 N N1    . C   B 1 8  ? 5.633   5.021   5.992   1.00 4.60  ? 22 C   B N1    1 
ATOM   458 C C2    . C   B 1 8  ? 4.593   5.758   5.488   1.00 1.81  ? 22 C   B C2    1 
ATOM   459 O O2    . C   B 1 8  ? 4.574   6.961   5.691   1.00 9.31  ? 22 C   B O2    1 
ATOM   460 N N3    . C   B 1 8  ? 3.616   5.153   4.798   1.00 4.42  ? 22 C   B N3    1 
ATOM   461 C C4    . C   B 1 8  ? 3.648   3.839   4.633   1.00 5.10  ? 22 C   B C4    1 
ATOM   462 N N4    . C   B 1 8  ? 2.640   3.275   3.958   1.00 1.81  ? 22 C   B N4    1 
ATOM   463 C C5    . C   B 1 8  ? 4.701   3.044   5.161   1.00 3.92  ? 22 C   B C5    1 
ATOM   464 C C6    . C   B 1 8  ? 5.666   3.669   5.830   1.00 1.81  ? 22 C   B C6    1 
ATOM   465 P P     . G   B 1 9  ? 6.339   4.452   11.114  1.00 8.74  ? 23 G   B P     1 
ATOM   466 O OP1   . G   B 1 9  ? 6.859   4.688   12.472  1.00 9.17  ? 23 G   B OP1   1 
ATOM   467 O OP2   . G   B 1 9  ? 5.688   3.176   10.784  1.00 15.31 ? 23 G   B OP2   1 
ATOM   468 O "O5'" . G   B 1 9  ? 5.285   5.577   10.773  1.00 1.81  ? 23 G   B "O5'" 1 
ATOM   469 C "C5'" . G   B 1 9  ? 3.884   5.354   10.973  1.00 1.81  ? 23 G   B "C5'" 1 
ATOM   470 C "C4'" . G   B 1 9  ? 3.103   6.519   10.416  1.00 12.25 ? 23 G   B "C4'" 1 
ATOM   471 O "O4'" . G   B 1 9  ? 3.355   6.653   8.988   1.00 14.90 ? 23 G   B "O4'" 1 
ATOM   472 C "C3'" . G   B 1 9  ? 1.587   6.484   10.516  1.00 13.62 ? 23 G   B "C3'" 1 
ATOM   473 O "O3'" . G   B 1 9  ? 1.151   6.817   11.818  1.00 3.54  ? 23 G   B "O3'" 1 
ATOM   474 C "C2'" . G   B 1 9  ? 1.195   7.498   9.432   1.00 4.39  ? 23 G   B "C2'" 1 
ATOM   475 O "O2'" . G   B 1 9  ? 1.460   8.840   9.796   1.00 5.90  ? 23 G   B "O2'" 1 
ATOM   476 C "C1'" . G   B 1 9  ? 2.193   7.141   8.345   1.00 5.49  ? 23 G   B "C1'" 1 
ATOM   477 N N9    . G   B 1 9  ? 1.626   6.067   7.559   1.00 1.88  ? 23 G   B N9    1 
ATOM   478 C C8    . G   B 1 9  ? 2.058   4.770   7.473   1.00 1.81  ? 23 G   B C8    1 
ATOM   479 N N7    . G   B 1 9  ? 1.288   4.027   6.731   1.00 3.73  ? 23 G   B N7    1 
ATOM   480 C C5    . G   B 1 9  ? 0.291   4.900   6.294   1.00 11.60 ? 23 G   B C5    1 
ATOM   481 C C6    . G   B 1 9  ? -0.842  4.675   5.478   1.00 9.77  ? 23 G   B C6    1 
ATOM   482 O O6    . G   B 1 9  ? -1.213  3.623   4.952   1.00 8.40  ? 23 G   B O6    1 
ATOM   483 N N1    . G   B 1 9  ? -1.584  5.835   5.299   1.00 4.48  ? 23 G   B N1    1 
ATOM   484 C C2    . G   B 1 9  ? -1.284  7.041   5.821   1.00 7.26  ? 23 G   B C2    1 
ATOM   485 N N2    . G   B 1 9  ? -2.128  8.019   5.506   1.00 1.81  ? 23 G   B N2    1 
ATOM   486 N N3    . G   B 1 9  ? -0.239  7.273   6.593   1.00 1.81  ? 23 G   B N3    1 
ATOM   487 C C4    . G   B 1 9  ? 0.498   6.160   6.788   1.00 4.12  ? 23 G   B C4    1 
ATOM   488 P P     . G   B 1 10 ? -0.269  6.282   12.385  1.00 15.92 ? 24 G   B P     1 
ATOM   489 O OP1   . G   B 1 10 ? -0.439  6.867   13.756  1.00 19.18 ? 24 G   B OP1   1 
ATOM   490 O OP2   . G   B 1 10 ? -0.374  4.862   12.186  1.00 3.28  ? 24 G   B OP2   1 
ATOM   491 O "O5'" . G   B 1 10 ? -1.378  6.918   11.431  1.00 12.53 ? 24 G   B "O5'" 1 
ATOM   492 C "C5'" . G   B 1 10 ? -1.657  8.323   11.474  1.00 7.23  ? 24 G   B "C5'" 1 
ATOM   493 C "C4'" . G   B 1 10 ? -2.912  8.628   10.700  1.00 9.67  ? 24 G   B "C4'" 1 
ATOM   494 O "O4'" . G   B 1 10 ? -2.705  8.338   9.301   1.00 3.14  ? 24 G   B "O4'" 1 
ATOM   495 C "C3'" . G   B 1 10 ? -4.118  7.781   11.078  1.00 1.81  ? 24 G   B "C3'" 1 
ATOM   496 O "O3'" . G   B 1 10 ? -4.740  8.276   12.224  1.00 4.88  ? 24 G   B "O3'" 1 
ATOM   497 C "C2'" . G   B 1 10 ? -4.979  7.885   9.834   1.00 9.85  ? 24 G   B "C2'" 1 
ATOM   498 O "O2'" . G   B 1 10 ? -5.653  9.135   9.820   1.00 9.84  ? 24 G   B "O2'" 1 
ATOM   499 C "C1'" . G   B 1 10 ? -3.914  7.859   8.733   1.00 9.72  ? 24 G   B "C1'" 1 
ATOM   500 N N9    . G   B 1 10 ? -3.699  6.498   8.253   1.00 13.14 ? 24 G   B N9    1 
ATOM   501 C C8    . G   B 1 10 ? -2.626  5.676   8.525   1.00 15.37 ? 24 G   B C8    1 
ATOM   502 N N7    . G   B 1 10 ? -2.741  4.485   7.995   1.00 1.81  ? 24 G   B N7    1 
ATOM   503 C C5    . G   B 1 10 ? -3.957  4.528   7.317   1.00 14.33 ? 24 G   B C5    1 
ATOM   504 C C6    . G   B 1 10 ? -4.649  3.514   6.561   1.00 9.11  ? 24 G   B C6    1 
ATOM   505 O O6    . G   B 1 10 ? -4.320  2.353   6.347   1.00 19.43 ? 24 G   B O6    1 
ATOM   506 N N1    . G   B 1 10 ? -5.846  3.984   6.042   1.00 8.29  ? 24 G   B N1    1 
ATOM   507 C C2    . G   B 1 10 ? -6.327  5.256   6.219   1.00 24.56 ? 24 G   B C2    1 
ATOM   508 N N2    . G   B 1 10 ? -7.468  5.527   5.575   1.00 4.97  ? 24 G   B N2    1 
ATOM   509 N N3    . G   B 1 10 ? -5.726  6.199   6.956   1.00 13.39 ? 24 G   B N3    1 
ATOM   510 C C4    . G   B 1 10 ? -4.553  5.769   7.461   1.00 15.58 ? 24 G   B C4    1 
ATOM   511 P P     . U   B 1 11 ? -5.652  7.302   13.130  1.00 12.31 ? 25 U   B P     1 
ATOM   512 O OP1   . U   B 1 11 ? -6.276  8.145   14.192  1.00 17.12 ? 25 U   B OP1   1 
ATOM   513 O OP2   . U   B 1 11 ? -4.880  6.109   13.489  1.00 21.56 ? 25 U   B OP2   1 
ATOM   514 O "O5'" . U   B 1 11 ? -6.800  6.835   12.146  1.00 8.10  ? 25 U   B "O5'" 1 
ATOM   515 C "C5'" . U   B 1 11 ? -7.841  7.720   11.831  1.00 1.81  ? 25 U   B "C5'" 1 
ATOM   516 C "C4'" . U   B 1 11 ? -8.858  7.017   10.982  1.00 12.95 ? 25 U   B "C4'" 1 
ATOM   517 O "O4'" . U   B 1 11 ? -8.235  6.564   9.754   1.00 10.29 ? 25 U   B "O4'" 1 
ATOM   518 C "C3'" . U   B 1 11 ? -9.431  5.741   11.568  1.00 20.93 ? 25 U   B "C3'" 1 
ATOM   519 O "O3'" . U   B 1 11 ? -10.418 5.977   12.546  1.00 28.69 ? 25 U   B "O3'" 1 
ATOM   520 C "C2'" . U   B 1 11 ? -9.976  5.083   10.326  1.00 2.48  ? 25 U   B "C2'" 1 
ATOM   521 O "O2'" . U   B 1 11 ? -11.123 5.799   9.916   1.00 20.09 ? 25 U   B "O2'" 1 
ATOM   522 C "C1'" . U   B 1 11 ? -8.847  5.378   9.335   1.00 8.54  ? 25 U   B "C1'" 1 
ATOM   523 N N1    . U   B 1 11 ? -7.833  4.329   9.357   1.00 3.70  ? 25 U   B N1    1 
ATOM   524 C C2    . U   B 1 11 ? -8.041  3.223   8.582   1.00 7.08  ? 25 U   B C2    1 
ATOM   525 O O2    . U   B 1 11 ? -9.029  3.065   7.935   1.00 20.32 ? 25 U   B O2    1 
ATOM   526 N N3    . U   B 1 11 ? -7.043  2.295   8.602   1.00 16.36 ? 25 U   B N3    1 
ATOM   527 C C4    . U   B 1 11 ? -5.884  2.350   9.322   1.00 11.21 ? 25 U   B C4    1 
ATOM   528 O O4    . U   B 1 11 ? -5.102  1.390   9.274   1.00 12.73 ? 25 U   B O4    1 
ATOM   529 C C5    . U   B 1 11 ? -5.740  3.534   10.125  1.00 2.10  ? 25 U   B C5    1 
ATOM   530 C C6    . U   B 1 11 ? -6.706  4.460   10.115  1.00 15.11 ? 25 U   B C6    1 
ATOM   531 P P     . A   B 1 12 ? -10.824 4.808   13.553  1.00 23.55 ? 26 A   B P     1 
ATOM   532 O OP1   . A   B 1 12 ? -11.852 5.388   14.435  1.00 30.78 ? 26 A   B OP1   1 
ATOM   533 O OP2   . A   B 1 12 ? -9.567  4.280   14.150  1.00 30.75 ? 26 A   B OP2   1 
ATOM   534 O "O5'" . A   B 1 12 ? -11.468 3.700   12.612  1.00 7.78  ? 26 A   B "O5'" 1 
ATOM   535 C "C5'" . A   B 1 12 ? -12.732 3.938   11.956  1.00 9.91  ? 26 A   B "C5'" 1 
ATOM   536 C "C4'" . A   B 1 12 ? -13.239 2.684   11.288  1.00 16.66 ? 26 A   B "C4'" 1 
ATOM   537 O "O4'" . A   B 1 12 ? -12.355 2.338   10.195  1.00 30.32 ? 26 A   B "O4'" 1 
ATOM   538 C "C3'" . A   B 1 12 ? -13.326 1.401   12.119  1.00 20.49 ? 26 A   B "C3'" 1 
ATOM   539 O "O3'" . A   B 1 12 ? -14.489 1.307   12.925  1.00 23.78 ? 26 A   B "O3'" 1 
ATOM   540 C "C2'" . A   B 1 12 ? -13.236 0.313   11.057  1.00 11.89 ? 26 A   B "C2'" 1 
ATOM   541 O "O2'" . A   B 1 12 ? -14.466 0.164   10.362  1.00 15.06 ? 26 A   B "O2'" 1 
ATOM   542 C "C1'" . A   B 1 12 ? -12.226 0.931   10.100  1.00 25.63 ? 26 A   B "C1'" 1 
ATOM   543 N N9    . A   B 1 12 ? -10.844 0.574   10.433  1.00 14.27 ? 26 A   B N9    1 
ATOM   544 C C8    . A   B 1 12 ? -9.973  1.259   11.228  1.00 1.81  ? 26 A   B C8    1 
ATOM   545 N N7    . A   B 1 12 ? -8.775  0.718   11.286  1.00 18.33 ? 26 A   B N7    1 
ATOM   546 C C5    . A   B 1 12 ? -8.874  -0.410  10.477  1.00 3.51  ? 26 A   B C5    1 
ATOM   547 C C6    . A   B 1 12 ? -7.936  -1.423  10.094  1.00 17.01 ? 26 A   B C6    1 
ATOM   548 N N6    . A   B 1 12 ? -6.655  -1.470  10.490  1.00 10.49 ? 26 A   B N6    1 
ATOM   549 N N1    . A   B 1 12 ? -8.374  -2.402  9.277   1.00 17.74 ? 26 A   B N1    1 
ATOM   550 C C2    . A   B 1 12 ? -9.652  -2.370  8.873   1.00 1.81  ? 26 A   B C2    1 
ATOM   551 N N3    . A   B 1 12 ? -10.607 -1.483  9.146   1.00 24.43 ? 26 A   B N3    1 
ATOM   552 C C4    . A   B 1 12 ? -10.149 -0.518  9.962   1.00 17.80 ? 26 A   B C4    1 
ATOM   553 P P     . C   B 1 13 ? -14.395 0.615   14.375  1.00 23.19 ? 27 C   B P     1 
ATOM   554 O OP1   . C   B 1 13 ? -15.596 1.011   15.173  1.00 37.73 ? 27 C   B OP1   1 
ATOM   555 O OP2   . C   B 1 13 ? -13.055 0.836   14.928  1.00 10.32 ? 27 C   B OP2   1 
ATOM   556 O "O5'" . C   B 1 13 ? -14.479 -0.936  14.052  1.00 20.41 ? 27 C   B "O5'" 1 
ATOM   557 C "C5'" . C   B 1 13 ? -15.541 -1.457  13.263  1.00 8.18  ? 27 C   B "C5'" 1 
ATOM   558 C "C4'" . C   B 1 13 ? -15.136 -2.788  12.687  1.00 14.80 ? 27 C   B "C4'" 1 
ATOM   559 O "O4'" . C   B 1 13 ? -14.004 -2.594  11.813  1.00 12.59 ? 27 C   B "O4'" 1 
ATOM   560 C "C3'" . C   B 1 13 ? -14.655 -3.877  13.636  1.00 9.53  ? 27 C   B "C3'" 1 
ATOM   561 O "O3'" . C   B 1 13 ? -15.730 -4.511  14.314  1.00 14.31 ? 27 C   B "O3'" 1 
ATOM   562 C "C2'" . C   B 1 13 ? -13.938 -4.794  12.656  1.00 11.22 ? 27 C   B "C2'" 1 
ATOM   563 O "O2'" . C   B 1 13 ? -14.886 -5.424  11.820  1.00 12.06 ? 27 C   B "O2'" 1 
ATOM   564 C "C1'" . C   B 1 13 ? -13.251 -3.777  11.749  1.00 10.88 ? 27 C   B "C1'" 1 
ATOM   565 N N1    . C   B 1 13 ? -11.894 -3.483  12.195  1.00 14.86 ? 27 C   B N1    1 
ATOM   566 C C2    . C   B 1 13 ? -10.856 -4.384  11.900  1.00 9.22  ? 27 C   B C2    1 
ATOM   567 O O2    . C   B 1 13 ? -11.117 -5.410  11.269  1.00 22.74 ? 27 C   B O2    1 
ATOM   568 N N3    . C   B 1 13 ? -9.600  -4.104  12.314  1.00 16.26 ? 27 C   B N3    1 
ATOM   569 C C4    . C   B 1 13 ? -9.366  -2.979  13.002  1.00 20.74 ? 27 C   B C4    1 
ATOM   570 N N4    . C   B 1 13 ? -8.121  -2.725  13.410  1.00 13.09 ? 27 C   B N4    1 
ATOM   571 C C5    . C   B 1 13 ? -10.407 -2.054  13.314  1.00 21.64 ? 27 C   B C5    1 
ATOM   572 C C6    . C   B 1 13 ? -11.640 -2.340  12.894  1.00 6.07  ? 27 C   B C6    1 
ATOM   573 P P     . C   B 1 14 ? -15.491 -5.257  15.728  1.00 17.95 ? 28 C   B P     1 
ATOM   574 O OP1   . C   B 1 14 ? -16.757 -6.014  15.900  1.00 29.91 ? 28 C   B OP1   1 
ATOM   575 O OP2   . C   B 1 14 ? -15.066 -4.324  16.771  1.00 25.61 ? 28 C   B OP2   1 
ATOM   576 O "O5'" . C   B 1 14 ? -14.329 -6.324  15.491  1.00 14.50 ? 28 C   B "O5'" 1 
ATOM   577 C "C5'" . C   B 1 14 ? -14.657 -7.618  14.932  1.00 18.34 ? 28 C   B "C5'" 1 
ATOM   578 C "C4'" . C   B 1 14 ? -13.433 -8.486  14.746  1.00 18.51 ? 28 C   B "C4'" 1 
ATOM   579 O "O4'" . C   B 1 14 ? -12.470 -7.811  13.909  1.00 20.58 ? 28 C   B "O4'" 1 
ATOM   580 C "C3'" . C   B 1 14 ? -12.616 -8.910  15.948  1.00 13.37 ? 28 C   B "C3'" 1 
ATOM   581 O "O3'" . C   B 1 14 ? -13.215 -10.006 16.631  1.00 15.64 ? 28 C   B "O3'" 1 
ATOM   582 C "C2'" . C   B 1 14 ? -11.321 -9.351  15.289  1.00 15.44 ? 28 C   B "C2'" 1 
ATOM   583 O "O2'" . C   B 1 14 ? -11.443 -10.631 14.682  1.00 21.48 ? 28 C   B "O2'" 1 
ATOM   584 C "C1'" . C   B 1 14 ? -11.191 -8.305  14.185  1.00 23.57 ? 28 C   B "C1'" 1 
ATOM   585 N N1    . C   B 1 14 ? -10.379 -7.211  14.665  1.00 22.02 ? 28 C   B N1    1 
ATOM   586 C C2    . C   B 1 14 ? -8.997  -7.363  14.637  1.00 24.86 ? 28 C   B C2    1 
ATOM   587 O O2    . C   B 1 14 ? -8.517  -8.407  14.154  1.00 27.66 ? 28 C   B O2    1 
ATOM   588 N N3    . C   B 1 14 ? -8.217  -6.388  15.130  1.00 13.50 ? 28 C   B N3    1 
ATOM   589 C C4    . C   B 1 14 ? -8.774  -5.296  15.645  1.00 19.90 ? 28 C   B C4    1 
ATOM   590 N N4    . C   B 1 14 ? -7.970  -4.376  16.180  1.00 11.49 ? 28 C   B N4    1 
ATOM   591 C C5    . C   B 1 14 ? -10.189 -5.100  15.654  1.00 16.28 ? 28 C   B C5    1 
ATOM   592 C C6    . C   B 1 14 ? -10.949 -6.077  15.155  1.00 14.23 ? 28 C   B C6    1 
HETATM 593 O O     . HOH C 2 .  ? -10.098 4.398   4.316   0.50 1.81  ? 15 HOH A O     1 
HETATM 594 O O     . HOH C 2 .  ? -4.188  14.462  -2.837  0.50 1.81  ? 16 HOH A O     1 
HETATM 595 O O     . HOH C 2 .  ? 2.415   8.889   -4.076  0.50 1.81  ? 17 HOH A O     1 
HETATM 596 O O     . HOH C 2 .  ? 12.135  -2.413  -2.337  0.50 1.81  ? 18 HOH A O     1 
HETATM 597 O O     . HOH C 2 .  ? 9.223   1.569   -11.156 0.50 1.81  ? 19 HOH A O     1 
HETATM 598 O O     . HOH C 2 .  ? -6.441  -12.682 12.977  0.50 10.88 ? 20 HOH A O     1 
HETATM 599 O O     . HOH C 2 .  ? -7.411  -10.781 10.920  0.50 1.81  ? 21 HOH A O     1 
HETATM 600 O O     . HOH C 2 .  ? -8.957  8.511   3.367   0.50 4.08  ? 22 HOH A O     1 
HETATM 601 O O     . HOH C 2 .  ? -0.851  0.357   4.335   0.50 10.91 ? 23 HOH A O     1 
HETATM 602 O O     . HOH C 2 .  ? -0.543  9.051   -4.118  0.50 1.81  ? 24 HOH A O     1 
HETATM 603 O O     . HOH C 2 .  ? -1.349  -4.153  0.149   0.50 9.48  ? 25 HOH A O     1 
HETATM 604 O O     . HOH C 2 .  ? 12.806  -0.265  -13.294 0.50 2.47  ? 26 HOH A O     1 
HETATM 605 O O     . HOH C 2 .  ? 0.450   11.586  4.058   0.50 1.81  ? 27 HOH A O     1 
HETATM 606 O O     . HOH C 2 .  ? -2.771  -6.235  0.913   0.50 1.98  ? 28 HOH A O     1 
HETATM 607 O O     . HOH C 2 .  ? -4.998  8.367   4.618   0.50 1.81  ? 29 HOH A O     1 
HETATM 608 O O     . HOH C 2 .  ? 1.234   12.760  -5.705  0.50 1.81  ? 30 HOH A O     1 
HETATM 609 O O     . HOH C 2 .  ? -3.516  -12.591 3.187   0.50 14.25 ? 31 HOH A O     1 
HETATM 610 O O     . HOH C 2 .  ? -1.645  11.416  -5.613  0.50 27.68 ? 32 HOH A O     1 
HETATM 611 O O     . HOH C 2 .  ? -7.988  6.137   -5.034  0.50 13.93 ? 33 HOH A O     1 
HETATM 612 O O     . HOH C 2 .  ? 5.450   3.796   -7.678  0.50 1.81  ? 34 HOH A O     1 
HETATM 613 O O     . HOH C 2 .  ? -0.445  1.732   -3.740  0.50 20.38 ? 35 HOH A O     1 
HETATM 614 O O     . HOH C 2 .  ? -6.894  11.034  -6.118  0.50 2.20  ? 36 HOH A O     1 
HETATM 615 O O     . HOH C 2 .  ? -8.206  -11.413 8.445   0.50 10.01 ? 37 HOH A O     1 
HETATM 616 O O     . HOH C 2 .  ? -12.150 -1.993  4.523   0.50 24.34 ? 38 HOH A O     1 
HETATM 617 O O     . HOH C 2 .  ? 9.016   -5.461  -6.897  0.50 1.81  ? 39 HOH A O     1 
HETATM 618 O O     . HOH C 2 .  ? 15.815  -2.505  -6.490  0.50 1.88  ? 40 HOH A O     1 
HETATM 619 O O     . HOH C 2 .  ? 5.551   -6.950  -14.467 0.50 8.03  ? 41 HOH A O     1 
HETATM 620 O O     . HOH C 2 .  ? -2.078  -9.287  2.600   0.50 7.15  ? 42 HOH A O     1 
HETATM 621 O O     . HOH C 2 .  ? 9.333   -7.420  -12.759 0.50 7.63  ? 43 HOH A O     1 
HETATM 622 O O     . HOH C 2 .  ? 5.018   10.511  3.360   0.50 7.83  ? 44 HOH A O     1 
HETATM 623 O O     . HOH C 2 .  ? -8.112  15.098  -4.882  0.50 1.81  ? 45 HOH A O     1 
HETATM 624 O O     . HOH C 2 .  ? 9.115   4.784   -7.877  0.50 4.66  ? 46 HOH A O     1 
HETATM 625 O O     . HOH C 2 .  ? -2.094  -16.347 17.828  0.50 17.17 ? 47 HOH A O     1 
HETATM 626 O O     . HOH C 2 .  ? 2.081   3.723   -4.475  0.50 12.99 ? 48 HOH A O     1 
HETATM 627 O O     . HOH C 2 .  ? -13.987 -0.728  2.870   0.50 14.15 ? 49 HOH A O     1 
HETATM 628 O O     . HOH C 2 .  ? -6.172  -4.888  -2.780  0.50 27.79 ? 50 HOH A O     1 
HETATM 629 O O     . HOH C 2 .  ? 6.395   14.180  -1.864  0.50 12.11 ? 51 HOH A O     1 
HETATM 630 O O     . HOH C 2 .  ? -5.057  -15.382 14.866  0.50 12.11 ? 52 HOH A O     1 
HETATM 631 O O     . HOH C 2 .  ? 3.697   12.928  4.825   0.50 12.11 ? 53 HOH A O     1 
HETATM 632 O O     . HOH D 2 .  ? 9.138   -4.996  -4.256  0.50 1.81  ? 29 HOH B O     1 
HETATM 633 O O     . HOH D 2 .  ? 9.604   0.214   -0.398  0.50 1.81  ? 30 HOH B O     1 
HETATM 634 O O     . HOH D 2 .  ? 7.633   -3.022  7.451   0.50 1.81  ? 31 HOH B O     1 
HETATM 635 O O     . HOH D 2 .  ? 12.432  3.730   1.719   0.50 8.14  ? 32 HOH B O     1 
HETATM 636 O O     . HOH D 2 .  ? -12.524 4.567   7.665   0.50 4.27  ? 33 HOH B O     1 
HETATM 637 O O     . HOH D 2 .  ? -8.827  -10.954 14.526  0.50 1.81  ? 34 HOH B O     1 
HETATM 638 O O     . HOH D 2 .  ? -5.586  -1.106  17.818  0.50 17.31 ? 35 HOH B O     1 
HETATM 639 O O     . HOH D 2 .  ? -5.027  -0.890  14.481  0.50 1.92  ? 36 HOH B O     1 
HETATM 640 O O     . HOH D 2 .  ? -8.679  -1.969  17.649  0.50 41.29 ? 37 HOH B O     1 
HETATM 641 O O     . HOH D 2 .  ? 1.181   1.076   6.351   0.50 1.81  ? 38 HOH B O     1 
HETATM 642 O O     . HOH D 2 .  ? 4.092   1.644   8.995   0.50 1.81  ? 39 HOH B O     1 
HETATM 643 O O     . HOH D 2 .  ? 2.699   0.581   3.249   0.50 1.81  ? 40 HOH B O     1 
HETATM 644 O O     . HOH D 2 .  ? 4.868   -8.005  -11.801 0.50 18.00 ? 41 HOH B O     1 
HETATM 645 O O     . HOH D 2 .  ? 2.062   1.338   -0.332  0.50 1.81  ? 42 HOH B O     1 
HETATM 646 O O     . HOH D 2 .  ? 0.383   -2.867  -17.889 0.50 1.81  ? 43 HOH B O     1 
HETATM 647 O O     . HOH D 2 .  ? 5.294   -10.776 2.505   0.50 10.40 ? 44 HOH B O     1 
HETATM 648 O O     . HOH D 2 .  ? -1.002  -1.674  -3.173  0.50 8.93  ? 45 HOH B O     1 
HETATM 649 O O     . HOH D 2 .  ? -18.563 -4.456  18.412  0.50 9.45  ? 46 HOH B O     1 
HETATM 650 O O     . HOH D 2 .  ? -15.749 -2.272  17.894  0.50 1.85  ? 47 HOH B O     1 
HETATM 651 O O     . HOH D 2 .  ? 2.666   1.513   -5.527  0.50 1.81  ? 48 HOH B O     1 
HETATM 652 O O     . HOH D 2 .  ? -5.607  4.908   -15.772 0.50 14.50 ? 49 HOH B O     1 
HETATM 653 O O     . HOH D 2 .  ? -0.901  -5.114  -5.469  0.50 1.91  ? 50 HOH B O     1 
HETATM 654 O O     . HOH D 2 .  ? -1.486  11.148  10.519  0.50 16.55 ? 51 HOH B O     1 
HETATM 655 O O     . HOH D 2 .  ? 1.842   -4.161  1.300   0.50 2.34  ? 52 HOH B O     1 
HETATM 656 O O     . HOH D 2 .  ? -2.173  10.455  6.705   0.50 1.81  ? 53 HOH B O     1 
HETATM 657 O O     . HOH D 2 .  ? 2.188   -8.810  -12.500 0.50 1.81  ? 54 HOH B O     1 
HETATM 658 O O     . HOH D 2 .  ? -5.154  -0.510  -18.965 0.50 1.81  ? 55 HOH B O     1 
HETATM 659 O O     . HOH D 2 .  ? 3.581   2.449   -10.784 0.50 13.75 ? 56 HOH B O     1 
HETATM 660 O O     . HOH D 2 .  ? 4.563   9.115   7.445   0.50 9.85  ? 57 HOH B O     1 
HETATM 661 O O     . HOH D 2 .  ? 1.838   3.548   -12.722 0.50 13.28 ? 58 HOH B O     1 
HETATM 662 O O     . HOH D 2 .  ? 1.110   2.519   9.508   0.50 4.60  ? 59 HOH B O     1 
HETATM 663 O O     . HOH D 2 .  ? -6.792  -0.532  -15.991 0.50 2.40  ? 60 HOH B O     1 
HETATM 664 O O     . HOH D 2 .  ? 1.974   -12.126 -2.570  0.50 12.11 ? 61 HOH B O     1 
# 
